data_6WPE
#
_entry.id   6WPE
#
_cell.length_a   86.463
_cell.length_b   93.499
_cell.length_c   131.358
_cell.angle_alpha   90.000
_cell.angle_beta   90.000
_cell.angle_gamma   90.000
#
_symmetry.space_group_name_H-M   'P 21 21 21'
#
loop_
_entity.id
_entity.type
_entity.pdbx_description
1 polymer 'Indoleamine 2,3-dioxygenase 1'
2 non-polymer 4-chloro-N-{[1-(3-chlorobenzene-1-carbonyl)-1,2,3,4-tetrahydroquinolin-6-yl]methyl}benzamide
3 water water
#
_entity_poly.entity_id   1
_entity_poly.type   'polypeptide(L)'
_entity_poly.pdbx_seq_one_letter_code
;MISKEYHIDEEVGFALPNPQENLPDFYNDWMFIAKHLPDLIESGQLRERVEKLNMLSIDHLTDHKSQRLARLVLGCITMA
YVWGKGHGDVRKVLPRNIAVPYCQLSKKLELPPILVYADCVLANWKKKDPNKPLTYENMDVLFSFRDGDCSKGFFLVSLL
VEIAAASAIKVIPTVFKAMQMQERDTLLKALLEIASCLEKALQVFHQIHDHVNPKAFFSVLRIYLSGWKGNPQLSDGLVY
EGFWEDPKEFAGGSAGQSSVFQCFDVLLGIQQTAGGGHAAQFLQDMRRYMPPAHRNFLCSLESNPSVREFVLSKGDAGLR
EAYDACVKALVSLRSYHLQIVTKYILIPASQQPKENKTSEDPSKLEAKGTGGTDLMNFLKTVRSTTEKSLLKEG
;
_entity_poly.pdbx_strand_id   A,B
#
loop_
_chem_comp.id
_chem_comp.type
_chem_comp.name
_chem_comp.formula
U6G non-polymer 4-chloro-N-{[1-(3-chlorobenzene-1-carbonyl)-1,2,3,4-tetrahydroquinolin-6-yl]methyl}benzamide 'C24 H20 Cl2 N2 O2'
#
# COMPACT_ATOMS: atom_id res chain seq x y z
N ILE A 2 -12.61 -19.63 5.57
CA ILE A 2 -11.45 -18.74 5.23
C ILE A 2 -10.17 -19.57 5.13
N SER A 3 -9.35 -19.26 4.13
CA SER A 3 -8.09 -19.97 3.89
C SER A 3 -7.10 -19.76 5.04
N LYS A 4 -6.42 -20.84 5.44
CA LYS A 4 -5.50 -20.85 6.57
C LYS A 4 -4.26 -19.95 6.42
N GLU A 5 -3.90 -19.67 5.16
CA GLU A 5 -2.79 -18.75 4.83
C GLU A 5 -2.96 -17.31 5.37
N TYR A 6 -4.20 -16.87 5.57
CA TYR A 6 -4.49 -15.54 6.14
C TYR A 6 -4.40 -15.43 7.68
N HIS A 7 -4.20 -16.55 8.37
CA HIS A 7 -4.07 -16.57 9.84
C HIS A 7 -5.23 -15.86 10.56
N ILE A 8 -6.44 -16.29 10.22
CA ILE A 8 -7.67 -15.80 10.85
C ILE A 8 -8.31 -16.99 11.59
N ASP A 9 -8.38 -16.89 12.92
CA ASP A 9 -8.93 -17.94 13.76
C ASP A 9 -10.47 -17.89 13.79
N GLU A 10 -11.09 -19.05 13.96
CA GLU A 10 -12.54 -19.15 14.13
C GLU A 10 -13.06 -18.38 15.36
N GLU A 11 -12.38 -18.57 16.49
CA GLU A 11 -12.80 -17.99 17.78
C GLU A 11 -12.39 -16.53 17.96
N VAL A 12 -11.10 -16.24 17.75
CA VAL A 12 -10.51 -14.94 18.12
C VAL A 12 -10.16 -14.02 16.93
N GLY A 13 -10.48 -14.44 15.71
CA GLY A 13 -10.26 -13.63 14.50
C GLY A 13 -8.80 -13.31 14.22
N PHE A 14 -8.49 -12.01 14.18
CA PHE A 14 -7.13 -11.52 13.91
C PHE A 14 -6.17 -11.66 15.10
N ALA A 15 -6.71 -11.83 16.30
CA ALA A 15 -5.88 -12.10 17.49
C ALA A 15 -5.13 -13.42 17.36
N LEU A 16 -3.94 -13.48 17.95
CA LEU A 16 -3.15 -14.70 17.96
C LEU A 16 -3.74 -15.67 19.00
N PRO A 17 -4.22 -16.85 18.56
CA PRO A 17 -4.84 -17.75 19.54
C PRO A 17 -3.83 -18.36 20.51
N ASN A 18 -4.18 -18.37 21.79
CA ASN A 18 -3.35 -18.94 22.87
C ASN A 18 -1.86 -18.59 22.77
N PRO A 19 -1.51 -17.30 22.97
CA PRO A 19 -0.11 -16.89 22.81
C PRO A 19 0.84 -17.52 23.83
N GLN A 20 2.11 -17.59 23.45
CA GLN A 20 3.13 -18.18 24.30
C GLN A 20 3.46 -17.22 25.45
N GLU A 21 3.54 -17.78 26.66
CA GLU A 21 3.83 -16.99 27.88
C GLU A 21 5.34 -16.85 28.14
N ASN A 22 6.05 -17.98 28.04
CA ASN A 22 7.47 -18.04 28.37
C ASN A 22 8.36 -18.37 27.16
N LEU A 23 9.53 -17.74 27.10
CA LEU A 23 10.55 -18.05 26.10
C LEU A 23 11.42 -19.19 26.61
N PRO A 24 12.31 -19.74 25.75
CA PRO A 24 13.29 -20.71 26.26
C PRO A 24 14.26 -20.10 27.28
N ASP A 25 14.82 -20.96 28.13
CA ASP A 25 15.76 -20.55 29.20
C ASP A 25 16.96 -19.71 28.70
N PHE A 26 17.36 -19.93 27.45
CA PHE A 26 18.38 -19.13 26.79
C PHE A 26 18.15 -17.61 26.85
N TYR A 27 16.87 -17.20 26.74
CA TYR A 27 16.49 -15.78 26.77
C TYR A 27 15.91 -15.29 28.12
N ASN A 28 16.42 -15.81 29.23
CA ASN A 28 16.00 -15.36 30.57
C ASN A 28 16.26 -13.87 30.83
N ASP A 29 17.40 -13.38 30.33
CA ASP A 29 17.81 -11.99 30.54
C ASP A 29 16.88 -10.94 29.91
N TRP A 30 16.34 -11.26 28.72
CA TRP A 30 15.29 -10.44 28.11
C TRP A 30 14.01 -10.41 28.94
N MET A 31 13.57 -11.61 29.35
CA MET A 31 12.32 -11.79 30.11
C MET A 31 12.29 -11.05 31.45
N PHE A 32 13.39 -11.11 32.21
CA PHE A 32 13.48 -10.38 33.49
C PHE A 32 13.21 -8.88 33.32
N ILE A 33 13.86 -8.27 32.33
CA ILE A 33 13.72 -6.83 32.06
C ILE A 33 12.28 -6.52 31.64
N ALA A 34 11.76 -7.29 30.70
CA ALA A 34 10.40 -7.13 30.17
C ALA A 34 9.32 -7.32 31.24
N LYS A 35 9.49 -8.29 32.13
CA LYS A 35 8.55 -8.53 33.24
C LYS A 35 8.58 -7.47 34.35
N HIS A 36 9.67 -6.72 34.46
CA HIS A 36 9.84 -5.70 35.52
C HIS A 36 10.15 -4.30 34.99
N LEU A 37 9.46 -3.91 33.92
CA LEU A 37 9.61 -2.55 33.38
C LEU A 37 9.16 -1.45 34.35
N PRO A 38 8.02 -1.62 35.04
CA PRO A 38 7.60 -0.59 36.02
C PRO A 38 8.59 -0.35 37.16
N ASP A 39 9.21 -1.42 37.64
CA ASP A 39 10.14 -1.35 38.76
C ASP A 39 11.49 -0.76 38.33
N LEU A 40 12.02 -1.27 37.22
CA LEU A 40 13.33 -0.81 36.70
C LEU A 40 13.36 0.65 36.22
N ILE A 41 12.25 1.11 35.64
CA ILE A 41 12.10 2.52 35.26
C ILE A 41 12.12 3.44 36.49
N GLU A 42 11.37 3.06 37.53
CA GLU A 42 11.27 3.88 38.75
C GLU A 42 12.57 3.97 39.56
N SER A 43 13.29 2.86 39.65
CA SER A 43 14.61 2.83 40.30
C SER A 43 15.73 3.47 39.48
N GLY A 44 15.48 3.72 38.19
CA GLY A 44 16.45 4.36 37.31
C GLY A 44 17.56 3.41 36.90
N GLN A 45 17.23 2.12 36.77
CA GLN A 45 18.18 1.07 36.40
C GLN A 45 17.83 0.36 35.08
N LEU A 46 16.81 0.84 34.38
CA LEU A 46 16.36 0.18 33.15
C LEU A 46 17.43 0.25 32.07
N ARG A 47 17.86 1.46 31.74
CA ARG A 47 18.87 1.70 30.71
C ARG A 47 20.22 1.03 31.03
N GLU A 48 20.57 0.98 32.32
CA GLU A 48 21.74 0.24 32.80
C GLU A 48 21.68 -1.25 32.46
N ARG A 49 20.58 -1.91 32.83
CA ARG A 49 20.38 -3.34 32.61
C ARG A 49 20.39 -3.75 31.13
N VAL A 50 19.81 -2.90 30.28
CA VAL A 50 19.78 -3.13 28.83
C VAL A 50 21.17 -3.01 28.21
N GLU A 51 21.95 -2.04 28.67
CA GLU A 51 23.32 -1.82 28.18
C GLU A 51 24.28 -2.94 28.60
N LYS A 52 24.03 -3.56 29.75
CA LYS A 52 24.83 -4.71 30.22
C LYS A 52 24.50 -6.05 29.54
N LEU A 53 23.39 -6.12 28.80
CA LEU A 53 23.01 -7.32 28.06
C LEU A 53 24.08 -7.79 27.06
N ASN A 54 24.16 -9.10 26.87
CA ASN A 54 24.89 -9.68 25.74
C ASN A 54 23.96 -9.83 24.54
N MET A 55 24.56 -9.91 23.35
CA MET A 55 23.81 -10.08 22.11
C MET A 55 23.46 -11.55 21.94
N LEU A 56 22.16 -11.84 22.00
CA LEU A 56 21.64 -13.20 21.86
C LEU A 56 21.14 -13.45 20.44
N SER A 57 21.47 -14.61 19.90
CA SER A 57 21.04 -15.02 18.57
C SER A 57 19.54 -15.36 18.57
N ILE A 58 18.88 -15.11 17.44
CA ILE A 58 17.43 -15.38 17.29
C ILE A 58 17.12 -16.81 16.79
N ASP A 59 18.15 -17.61 16.55
CA ASP A 59 18.02 -18.94 15.91
C ASP A 59 17.28 -19.97 16.78
N HIS A 60 17.29 -19.79 18.09
CA HIS A 60 16.56 -20.66 19.03
C HIS A 60 15.06 -20.36 19.14
N LEU A 61 14.60 -19.26 18.51
CA LEU A 61 13.18 -18.97 18.34
C LEU A 61 12.71 -19.64 17.04
N THR A 62 12.28 -20.89 17.16
CA THR A 62 11.95 -21.73 16.00
C THR A 62 10.55 -21.45 15.42
N ASP A 63 9.53 -21.64 16.24
CA ASP A 63 8.12 -21.52 15.80
C ASP A 63 7.59 -20.08 15.83
N HIS A 64 6.43 -19.88 15.20
CA HIS A 64 5.83 -18.55 15.03
C HIS A 64 5.43 -17.85 16.33
N LYS A 65 4.86 -18.62 17.25
CA LYS A 65 4.37 -18.06 18.52
C LYS A 65 5.52 -17.57 19.42
N SER A 66 6.60 -18.35 19.50
CA SER A 66 7.81 -17.94 20.22
C SER A 66 8.45 -16.67 19.63
N GLN A 67 8.42 -16.56 18.30
CA GLN A 67 8.91 -15.36 17.60
C GLN A 67 8.06 -14.13 17.88
N ARG A 68 6.74 -14.30 17.89
CA ARG A 68 5.80 -13.21 18.24
C ARG A 68 5.96 -12.74 19.69
N LEU A 69 6.26 -13.67 20.59
CA LEU A 69 6.51 -13.34 22.00
C LEU A 69 7.77 -12.50 22.15
N ALA A 70 8.85 -12.94 21.52
CA ALA A 70 10.13 -12.21 21.53
C ALA A 70 10.02 -10.79 20.96
N ARG A 71 9.23 -10.63 19.91
CA ARG A 71 8.90 -9.30 19.35
C ARG A 71 8.22 -8.38 20.35
N LEU A 72 7.29 -8.94 21.12
CA LEU A 72 6.59 -8.17 22.16
C LEU A 72 7.54 -7.78 23.30
N VAL A 73 8.35 -8.74 23.74
CA VAL A 73 9.36 -8.53 24.78
C VAL A 73 10.32 -7.41 24.40
N LEU A 74 10.96 -7.58 23.24
CA LEU A 74 11.90 -6.58 22.71
C LEU A 74 11.23 -5.25 22.37
N GLY A 75 9.98 -5.31 21.93
CA GLY A 75 9.18 -4.12 21.63
C GLY A 75 8.93 -3.26 22.86
N CYS A 76 8.49 -3.89 23.94
CA CYS A 76 8.27 -3.18 25.22
C CYS A 76 9.57 -2.62 25.83
N ILE A 77 10.65 -3.40 25.78
CA ILE A 77 11.97 -2.93 26.25
C ILE A 77 12.42 -1.69 25.47
N THR A 78 12.26 -1.73 24.15
CA THR A 78 12.62 -0.59 23.28
C THR A 78 11.84 0.68 23.62
N MET A 79 10.54 0.56 23.86
N MET A 79 10.53 0.55 23.85
CA MET A 79 9.73 1.71 24.28
CA MET A 79 9.70 1.68 24.30
C MET A 79 10.19 2.28 25.63
C MET A 79 10.22 2.27 25.61
N ALA A 80 10.54 1.41 26.57
CA ALA A 80 11.05 1.83 27.90
C ALA A 80 12.43 2.50 27.85
N TYR A 81 13.32 1.94 27.04
CA TYR A 81 14.67 2.48 26.86
C TYR A 81 14.66 3.87 26.23
N VAL A 82 13.86 4.04 25.18
CA VAL A 82 13.78 5.32 24.44
C VAL A 82 13.15 6.44 25.29
N TRP A 83 11.97 6.17 25.88
CA TRP A 83 11.22 7.20 26.62
C TRP A 83 11.60 7.37 28.09
N GLY A 84 12.07 6.30 28.74
CA GLY A 84 12.54 6.36 30.12
C GLY A 84 11.43 6.59 31.13
N LYS A 85 11.64 7.54 32.04
CA LYS A 85 10.62 7.93 33.05
C LYS A 85 9.38 8.58 32.44
N GLY A 86 9.53 9.17 31.26
CA GLY A 86 8.43 9.77 30.49
C GLY A 86 8.21 11.25 30.69
N HIS A 87 9.26 11.99 31.04
N HIS A 87 9.29 11.98 30.99
CA HIS A 87 9.19 13.45 31.21
CA HIS A 87 9.26 13.42 31.28
C HIS A 87 10.35 14.17 30.53
C HIS A 87 10.30 14.24 30.49
N GLY A 88 10.70 13.75 29.32
CA GLY A 88 11.66 14.47 28.45
C GLY A 88 13.05 13.87 28.24
N ASP A 89 13.53 13.06 29.18
CA ASP A 89 14.89 12.48 29.09
C ASP A 89 14.89 11.24 28.20
N VAL A 90 15.31 11.42 26.94
CA VAL A 90 15.23 10.34 25.92
C VAL A 90 16.59 9.77 25.51
N ARG A 91 16.52 8.60 24.85
CA ARG A 91 17.66 7.97 24.18
C ARG A 91 17.38 7.87 22.67
N LYS A 92 18.34 8.34 21.87
CA LYS A 92 18.23 8.33 20.40
C LYS A 92 19.02 7.20 19.70
N VAL A 93 19.71 6.36 20.48
CA VAL A 93 20.47 5.23 19.96
C VAL A 93 20.06 3.97 20.72
N LEU A 94 19.67 2.94 19.98
CA LEU A 94 19.34 1.64 20.56
C LEU A 94 20.60 0.76 20.52
N PRO A 95 21.13 0.32 21.69
CA PRO A 95 22.36 -0.49 21.69
C PRO A 95 22.29 -1.74 20.80
N ARG A 96 23.42 -2.08 20.18
CA ARG A 96 23.51 -3.21 19.24
C ARG A 96 23.02 -4.55 19.79
N ASN A 97 23.32 -4.82 21.06
N ASN A 97 23.32 -4.83 21.05
CA ASN A 97 22.94 -6.08 21.71
CA ASN A 97 22.95 -6.10 21.69
C ASN A 97 21.44 -6.38 21.74
C ASN A 97 21.44 -6.38 21.74
N ILE A 98 20.63 -5.31 21.70
CA ILE A 98 19.16 -5.41 21.58
C ILE A 98 18.68 -5.07 20.16
N ALA A 99 19.25 -4.04 19.55
CA ALA A 99 18.82 -3.55 18.23
C ALA A 99 18.99 -4.57 17.09
N VAL A 100 20.11 -5.28 17.10
CA VAL A 100 20.41 -6.29 16.09
C VAL A 100 19.39 -7.45 16.09
N PRO A 101 19.25 -8.19 17.22
CA PRO A 101 18.25 -9.28 17.23
C PRO A 101 16.79 -8.85 17.01
N TYR A 102 16.45 -7.63 17.44
CA TYR A 102 15.10 -7.09 17.24
C TYR A 102 14.81 -6.86 15.75
N CYS A 103 15.78 -6.28 15.04
CA CYS A 103 15.64 -6.05 13.59
C CYS A 103 15.67 -7.34 12.77
N GLN A 104 16.55 -8.27 13.15
CA GLN A 104 16.61 -9.62 12.54
C GLN A 104 15.27 -10.34 12.64
N LEU A 105 14.72 -10.36 13.86
CA LEU A 105 13.41 -10.97 14.12
C LEU A 105 12.27 -10.24 13.41
N SER A 106 12.35 -8.91 13.38
CA SER A 106 11.34 -8.07 12.71
C SER A 106 11.30 -8.29 11.20
N LYS A 107 12.48 -8.36 10.59
CA LYS A 107 12.61 -8.68 9.15
C LYS A 107 12.02 -10.06 8.83
N LYS A 108 12.34 -11.04 9.68
CA LYS A 108 11.85 -12.42 9.53
C LYS A 108 10.32 -12.54 9.51
N LEU A 109 9.66 -11.81 10.41
CA LEU A 109 8.18 -11.76 10.50
C LEU A 109 7.50 -10.74 9.57
N GLU A 110 8.30 -9.88 8.91
CA GLU A 110 7.81 -8.79 8.04
C GLU A 110 6.97 -7.78 8.81
N LEU A 111 7.56 -7.24 9.88
CA LEU A 111 6.98 -6.13 10.64
C LEU A 111 8.10 -5.13 10.90
N PRO A 112 7.77 -3.83 11.10
CA PRO A 112 8.81 -2.85 11.39
C PRO A 112 9.30 -2.98 12.85
N PRO A 113 10.55 -2.57 13.14
CA PRO A 113 11.12 -2.67 14.49
C PRO A 113 10.65 -1.55 15.44
N ILE A 114 9.35 -1.59 15.73
CA ILE A 114 8.70 -0.74 16.73
C ILE A 114 7.49 -1.53 17.25
N LEU A 115 7.04 -1.20 18.45
CA LEU A 115 5.86 -1.83 19.03
C LEU A 115 4.64 -1.41 18.23
N VAL A 116 3.89 -2.40 17.76
CA VAL A 116 2.65 -2.16 16.99
C VAL A 116 1.46 -2.79 17.71
N TYR A 117 0.25 -2.49 17.20
CA TYR A 117 -1.01 -3.03 17.72
C TYR A 117 -1.01 -4.56 17.80
N ALA A 118 -0.46 -5.21 16.78
CA ALA A 118 -0.35 -6.68 16.72
C ALA A 118 0.53 -7.30 17.82
N ASP A 119 1.47 -6.53 18.37
CA ASP A 119 2.26 -6.96 19.52
C ASP A 119 1.44 -6.80 20.80
N CYS A 120 1.13 -5.55 21.14
CA CYS A 120 0.67 -5.19 22.49
C CYS A 120 -0.81 -5.42 22.76
N VAL A 121 -1.60 -5.77 21.74
CA VAL A 121 -2.97 -6.24 21.91
C VAL A 121 -3.13 -7.71 21.48
N LEU A 122 -2.87 -7.98 20.21
CA LEU A 122 -3.19 -9.29 19.61
C LEU A 122 -2.37 -10.48 20.15
N ALA A 123 -1.14 -10.20 20.59
CA ALA A 123 -0.23 -11.21 21.17
C ALA A 123 0.08 -11.04 22.67
N ASN A 124 -0.46 -9.98 23.29
CA ASN A 124 -0.15 -9.62 24.68
C ASN A 124 -1.30 -10.05 25.59
N TRP A 125 -1.60 -11.35 25.59
CA TRP A 125 -2.73 -11.86 26.36
C TRP A 125 -2.62 -13.34 26.71
N LYS A 126 -3.36 -13.69 27.76
CA LYS A 126 -3.52 -15.07 28.21
C LYS A 126 -4.85 -15.23 28.92
N LYS A 127 -5.23 -16.48 29.17
CA LYS A 127 -6.37 -16.79 30.02
C LYS A 127 -5.88 -17.55 31.24
N LYS A 128 -6.48 -17.25 32.39
CA LYS A 128 -6.06 -17.79 33.69
C LYS A 128 -6.41 -19.27 33.81
N ASP A 129 -7.67 -19.60 33.53
CA ASP A 129 -8.16 -20.98 33.46
C ASP A 129 -8.55 -21.29 32.00
N PRO A 130 -7.84 -22.24 31.34
CA PRO A 130 -8.22 -22.68 29.98
C PRO A 130 -9.63 -23.30 29.82
N ASN A 131 -10.14 -23.92 30.88
CA ASN A 131 -11.50 -24.49 30.87
C ASN A 131 -12.62 -23.43 30.87
N LYS A 132 -12.31 -22.23 31.37
CA LYS A 132 -13.27 -21.12 31.43
C LYS A 132 -13.14 -20.20 30.20
N PRO A 133 -14.27 -19.56 29.78
CA PRO A 133 -14.31 -18.81 28.51
C PRO A 133 -13.56 -17.47 28.53
N LEU A 134 -13.56 -16.83 27.36
CA LEU A 134 -12.88 -15.54 27.15
C LEU A 134 -13.66 -14.36 27.72
N THR A 135 -13.58 -14.21 29.05
CA THR A 135 -14.12 -13.06 29.79
C THR A 135 -12.96 -12.28 30.40
N TYR A 136 -13.20 -11.01 30.71
CA TYR A 136 -12.19 -10.13 31.33
C TYR A 136 -11.61 -10.71 32.62
N GLU A 137 -12.48 -11.27 33.46
CA GLU A 137 -12.09 -11.80 34.79
C GLU A 137 -11.22 -13.06 34.69
N ASN A 138 -11.36 -13.80 33.59
CA ASN A 138 -10.52 -14.94 33.29
C ASN A 138 -9.38 -14.63 32.29
N MET A 139 -8.99 -13.36 32.19
CA MET A 139 -7.96 -12.92 31.24
C MET A 139 -6.99 -11.92 31.86
N ASP A 140 -5.78 -11.86 31.31
CA ASP A 140 -4.74 -10.94 31.75
C ASP A 140 -3.77 -10.63 30.60
N VAL A 141 -3.14 -9.46 30.66
CA VAL A 141 -2.02 -9.13 29.74
C VAL A 141 -0.72 -9.75 30.25
N LEU A 142 0.23 -9.89 29.33
CA LEU A 142 1.56 -10.44 29.67
C LEU A 142 2.53 -9.36 30.15
N PHE A 143 2.47 -8.16 29.57
CA PHE A 143 3.40 -7.06 29.90
C PHE A 143 2.73 -5.70 30.05
N SER A 144 3.28 -4.90 30.96
CA SER A 144 2.87 -3.50 31.19
C SER A 144 4.09 -2.59 31.23
N PHE A 145 3.86 -1.28 31.23
CA PHE A 145 4.94 -0.28 31.25
C PHE A 145 5.20 0.27 32.65
N ARG A 146 4.15 0.82 33.25
CA ARG A 146 4.23 1.45 34.58
C ARG A 146 3.05 1.05 35.47
N ASP A 147 3.25 1.12 36.78
N ASP A 147 3.25 1.13 36.78
CA ASP A 147 2.18 0.83 37.74
CA ASP A 147 2.19 0.85 37.75
C ASP A 147 1.13 1.93 37.68
C ASP A 147 1.13 1.94 37.69
N GLY A 148 -0.13 1.52 37.57
CA GLY A 148 -1.25 2.44 37.39
C GLY A 148 -1.41 3.05 36.00
N ASP A 149 -0.78 2.45 34.98
CA ASP A 149 -0.90 2.94 33.59
C ASP A 149 -2.19 2.55 32.85
N CYS A 150 -2.98 1.64 33.45
CA CYS A 150 -4.22 1.10 32.84
C CYS A 150 -3.98 0.35 31.51
N SER A 151 -2.81 -0.28 31.40
CA SER A 151 -2.45 -1.05 30.20
C SER A 151 -3.28 -2.34 30.07
N LYS A 152 -3.63 -2.95 31.19
CA LYS A 152 -4.46 -4.16 31.20
C LYS A 152 -5.83 -3.86 30.59
N GLY A 153 -6.50 -2.85 31.13
CA GLY A 153 -7.82 -2.42 30.64
C GLY A 153 -7.82 -2.03 29.17
N PHE A 154 -6.88 -1.19 28.78
CA PHE A 154 -6.82 -0.64 27.42
C PHE A 154 -6.60 -1.72 26.36
N PHE A 155 -5.60 -2.57 26.59
CA PHE A 155 -5.29 -3.67 25.68
C PHE A 155 -6.33 -4.80 25.68
N LEU A 156 -6.80 -5.21 26.86
CA LEU A 156 -7.78 -6.34 26.93
C LEU A 156 -9.14 -5.99 26.35
N VAL A 157 -9.63 -4.78 26.62
CA VAL A 157 -10.90 -4.33 26.03
C VAL A 157 -10.78 -4.24 24.51
N SER A 158 -9.66 -3.74 24.00
CA SER A 158 -9.39 -3.74 22.55
C SER A 158 -9.42 -5.17 21.99
N LEU A 159 -8.77 -6.09 22.69
CA LEU A 159 -8.77 -7.52 22.33
C LEU A 159 -10.18 -8.13 22.35
N LEU A 160 -10.97 -7.80 23.36
CA LEU A 160 -12.35 -8.32 23.45
C LEU A 160 -13.24 -7.84 22.29
N VAL A 161 -13.06 -6.58 21.87
CA VAL A 161 -13.73 -6.06 20.68
C VAL A 161 -13.28 -6.84 19.44
N GLU A 162 -11.96 -7.03 19.35
CA GLU A 162 -11.33 -7.83 18.29
C GLU A 162 -11.93 -9.25 18.22
N ILE A 163 -12.12 -9.87 19.39
CA ILE A 163 -12.73 -11.21 19.49
C ILE A 163 -14.22 -11.21 19.08
N ALA A 164 -14.95 -10.16 19.46
CA ALA A 164 -16.36 -10.00 19.07
C ALA A 164 -16.55 -9.92 17.55
N ALA A 165 -15.63 -9.19 16.90
CA ALA A 165 -15.63 -9.05 15.44
C ALA A 165 -15.40 -10.37 14.69
N ALA A 166 -14.73 -11.34 15.32
CA ALA A 166 -14.53 -12.69 14.75
C ALA A 166 -15.81 -13.39 14.28
N SER A 167 -16.92 -13.15 14.97
CA SER A 167 -18.23 -13.68 14.57
C SER A 167 -18.75 -13.11 13.24
N ALA A 168 -18.34 -11.89 12.92
CA ALA A 168 -18.69 -11.24 11.65
C ALA A 168 -17.73 -11.64 10.53
N ILE A 169 -16.44 -11.69 10.83
CA ILE A 169 -15.36 -12.00 9.85
C ILE A 169 -15.61 -13.33 9.14
N LYS A 170 -16.03 -14.35 9.90
CA LYS A 170 -16.27 -15.69 9.35
C LYS A 170 -17.43 -15.79 8.33
N VAL A 171 -18.35 -14.81 8.36
CA VAL A 171 -19.48 -14.74 7.42
C VAL A 171 -19.04 -14.23 6.02
N ILE A 172 -17.90 -13.53 5.94
CA ILE A 172 -17.42 -12.93 4.67
C ILE A 172 -17.40 -13.88 3.46
N PRO A 173 -16.87 -15.11 3.62
CA PRO A 173 -16.93 -16.07 2.49
C PRO A 173 -18.35 -16.41 2.01
N THR A 174 -19.31 -16.44 2.93
CA THR A 174 -20.73 -16.64 2.59
C THR A 174 -21.28 -15.50 1.71
N VAL A 175 -20.83 -14.27 1.96
CA VAL A 175 -21.26 -13.09 1.20
C VAL A 175 -20.84 -13.20 -0.27
N PHE A 176 -19.56 -13.48 -0.50
CA PHE A 176 -19.02 -13.57 -1.87
C PHE A 176 -19.49 -14.80 -2.64
N LYS A 177 -19.67 -15.91 -1.93
CA LYS A 177 -20.21 -17.13 -2.52
C LYS A 177 -21.66 -16.93 -2.98
N ALA A 178 -22.47 -16.28 -2.14
CA ALA A 178 -23.86 -15.95 -2.46
C ALA A 178 -24.00 -15.03 -3.67
N MET A 179 -23.05 -14.11 -3.86
CA MET A 179 -23.04 -13.19 -5.01
C MET A 179 -22.77 -13.92 -6.32
N GLN A 180 -21.70 -14.71 -6.36
CA GLN A 180 -21.36 -15.49 -7.56
C GLN A 180 -22.37 -16.60 -7.92
N MET A 181 -23.00 -17.20 -6.91
N MET A 181 -23.00 -17.20 -6.91
CA MET A 181 -24.04 -18.22 -7.09
CA MET A 181 -24.04 -18.21 -7.08
C MET A 181 -25.44 -17.63 -7.34
C MET A 181 -25.45 -17.64 -7.32
N GLN A 182 -25.55 -16.31 -7.37
CA GLN A 182 -26.85 -15.58 -7.42
C GLN A 182 -27.94 -16.08 -6.45
N GLU A 183 -27.60 -16.07 -5.17
CA GLU A 183 -28.47 -16.51 -4.08
C GLU A 183 -28.85 -15.31 -3.21
N ARG A 184 -29.99 -14.71 -3.51
CA ARG A 184 -30.44 -13.47 -2.85
C ARG A 184 -30.74 -13.65 -1.37
N ASP A 185 -31.55 -14.66 -1.05
CA ASP A 185 -31.98 -14.92 0.33
C ASP A 185 -30.82 -15.25 1.27
N THR A 186 -29.82 -15.98 0.77
CA THR A 186 -28.61 -16.29 1.54
C THR A 186 -27.80 -15.02 1.79
N LEU A 187 -27.63 -14.21 0.75
CA LEU A 187 -26.93 -12.92 0.87
C LEU A 187 -27.57 -12.01 1.91
N LEU A 188 -28.90 -11.91 1.88
CA LEU A 188 -29.66 -11.10 2.84
C LEU A 188 -29.42 -11.57 4.28
N LYS A 189 -29.57 -12.87 4.50
CA LYS A 189 -29.30 -13.52 5.79
C LYS A 189 -27.88 -13.24 6.30
N ALA A 190 -26.89 -13.36 5.42
CA ALA A 190 -25.49 -13.12 5.78
C ALA A 190 -25.23 -11.67 6.22
N LEU A 191 -25.77 -10.72 5.46
CA LEU A 191 -25.63 -9.30 5.78
C LEU A 191 -26.32 -8.92 7.11
N LEU A 192 -27.48 -9.51 7.39
CA LEU A 192 -28.15 -9.31 8.69
C LEU A 192 -27.34 -9.89 9.86
N GLU A 193 -26.72 -11.05 9.65
CA GLU A 193 -25.87 -11.70 10.65
C GLU A 193 -24.63 -10.84 10.97
N ILE A 194 -24.00 -10.30 9.92
CA ILE A 194 -22.87 -9.37 10.08
C ILE A 194 -23.26 -8.14 10.90
N ALA A 195 -24.38 -7.52 10.55
CA ALA A 195 -24.85 -6.32 11.24
C ALA A 195 -25.07 -6.56 12.74
N SER A 196 -25.72 -7.68 13.05
CA SER A 196 -25.95 -8.12 14.42
C SER A 196 -24.65 -8.30 15.23
N CYS A 197 -23.63 -8.89 14.62
CA CYS A 197 -22.34 -9.10 15.28
C CYS A 197 -21.58 -7.79 15.53
N LEU A 198 -21.65 -6.86 14.57
CA LEU A 198 -21.08 -5.52 14.73
C LEU A 198 -21.75 -4.69 15.83
N GLU A 199 -23.05 -4.88 16.03
CA GLU A 199 -23.78 -4.24 17.12
C GLU A 199 -23.32 -4.75 18.49
N LYS A 200 -23.16 -6.06 18.62
CA LYS A 200 -22.61 -6.68 19.83
C LYS A 200 -21.19 -6.21 20.17
N ALA A 201 -20.38 -5.97 19.13
CA ALA A 201 -19.01 -5.44 19.31
C ALA A 201 -18.99 -4.06 19.96
N LEU A 202 -19.97 -3.23 19.62
CA LEU A 202 -20.14 -1.91 20.26
C LEU A 202 -20.41 -2.05 21.76
N GLN A 203 -21.26 -3.01 22.13
CA GLN A 203 -21.58 -3.27 23.53
C GLN A 203 -20.39 -3.75 24.34
N VAL A 204 -19.53 -4.57 23.72
CA VAL A 204 -18.26 -5.02 24.31
C VAL A 204 -17.33 -3.82 24.60
N PHE A 205 -17.29 -2.86 23.69
CA PHE A 205 -16.53 -1.61 23.81
C PHE A 205 -16.83 -0.86 25.14
N HIS A 206 -18.09 -0.88 25.57
CA HIS A 206 -18.54 -0.15 26.77
C HIS A 206 -17.76 -0.46 28.06
N GLN A 207 -17.16 -1.65 28.13
CA GLN A 207 -16.31 -2.08 29.25
C GLN A 207 -15.11 -1.16 29.58
N ILE A 208 -14.60 -0.43 28.59
CA ILE A 208 -13.43 0.44 28.74
C ILE A 208 -13.52 1.44 29.91
N HIS A 209 -14.71 1.94 30.19
CA HIS A 209 -14.93 2.90 31.28
C HIS A 209 -14.63 2.33 32.67
N ASP A 210 -14.91 1.05 32.85
CA ASP A 210 -14.63 0.35 34.11
C ASP A 210 -13.15 0.09 34.39
N HIS A 211 -12.35 -0.08 33.34
CA HIS A 211 -10.95 -0.54 33.45
C HIS A 211 -9.87 0.48 33.08
N VAL A 212 -10.27 1.67 32.61
CA VAL A 212 -9.31 2.71 32.18
C VAL A 212 -9.71 4.07 32.75
N ASN A 213 -8.71 4.78 33.28
CA ASN A 213 -8.84 6.10 33.90
C ASN A 213 -8.25 7.18 32.95
N PRO A 214 -8.94 8.33 32.75
CA PRO A 214 -8.44 9.41 31.89
C PRO A 214 -7.04 9.94 32.18
N LYS A 215 -6.75 10.27 33.44
CA LYS A 215 -5.44 10.77 33.87
C LYS A 215 -4.30 9.80 33.54
N ALA A 216 -4.50 8.54 33.91
CA ALA A 216 -3.53 7.46 33.69
C ALA A 216 -3.18 7.26 32.21
N PHE A 217 -4.19 7.26 31.35
CA PHE A 217 -3.99 7.09 29.91
C PHE A 217 -3.23 8.25 29.27
N PHE A 218 -3.68 9.47 29.55
CA PHE A 218 -3.11 10.66 28.92
C PHE A 218 -1.68 10.94 29.37
N SER A 219 -1.45 10.92 30.68
CA SER A 219 -0.15 11.29 31.26
C SER A 219 0.91 10.18 31.26
N VAL A 220 0.50 8.91 31.22
CA VAL A 220 1.43 7.77 31.31
C VAL A 220 1.40 6.91 30.03
N LEU A 221 0.31 6.20 29.79
CA LEU A 221 0.28 5.17 28.72
C LEU A 221 0.49 5.72 27.30
N ARG A 222 -0.11 6.88 27.02
CA ARG A 222 0.07 7.58 25.74
C ARG A 222 1.53 7.91 25.41
N ILE A 223 2.35 8.16 26.43
CA ILE A 223 3.78 8.44 26.26
C ILE A 223 4.51 7.21 25.70
N TYR A 224 4.33 6.08 26.36
CA TYR A 224 5.04 4.84 25.99
C TYR A 224 4.61 4.21 24.65
N LEU A 225 3.40 4.51 24.19
CA LEU A 225 2.93 4.07 22.86
C LEU A 225 3.36 4.99 21.70
N SER A 226 3.94 6.15 22.02
CA SER A 226 4.40 7.10 21.02
C SER A 226 5.58 6.58 20.21
N GLY A 227 5.60 6.92 18.92
CA GLY A 227 6.66 6.52 18.00
C GLY A 227 7.62 7.65 17.68
N TRP A 228 8.34 7.49 16.58
CA TRP A 228 9.36 8.45 16.15
C TRP A 228 9.24 8.70 14.65
N LYS A 229 8.10 9.29 14.27
CA LYS A 229 7.83 9.74 12.90
C LYS A 229 7.07 11.07 12.95
N GLY A 230 7.74 12.14 12.55
CA GLY A 230 7.20 13.50 12.69
C GLY A 230 7.08 13.96 14.14
N ASN A 231 7.98 13.47 14.99
CA ASN A 231 8.04 13.82 16.42
C ASN A 231 9.24 14.75 16.63
N PRO A 232 9.03 15.96 17.18
CA PRO A 232 10.15 16.87 17.50
C PRO A 232 11.23 16.29 18.44
N GLN A 233 10.82 15.44 19.36
CA GLN A 233 11.75 14.80 20.32
C GLN A 233 12.75 13.84 19.66
N LEU A 234 12.35 13.23 18.54
CA LEU A 234 13.26 12.45 17.69
C LEU A 234 13.05 12.84 16.23
N SER A 235 13.52 14.03 15.87
CA SER A 235 13.26 14.63 14.55
C SER A 235 13.75 13.78 13.37
N ASP A 236 14.88 13.10 13.54
CA ASP A 236 15.49 12.28 12.49
C ASP A 236 15.15 10.78 12.58
N GLY A 237 14.51 10.35 13.66
CA GLY A 237 14.17 8.94 13.90
C GLY A 237 15.08 8.30 14.92
N LEU A 238 15.17 6.96 14.88
CA LEU A 238 15.94 6.16 15.85
C LEU A 238 17.09 5.40 15.17
N VAL A 239 18.26 5.42 15.80
CA VAL A 239 19.44 4.71 15.32
C VAL A 239 19.41 3.27 15.84
N TYR A 240 19.28 2.31 14.93
CA TYR A 240 19.32 0.88 15.27
C TYR A 240 20.77 0.42 15.06
N GLU A 241 21.53 0.39 16.17
CA GLU A 241 22.98 0.19 16.14
C GLU A 241 23.36 -1.21 15.65
N GLY A 242 24.33 -1.27 14.73
CA GLY A 242 24.78 -2.52 14.13
C GLY A 242 23.94 -3.11 13.00
N PHE A 243 22.77 -2.53 12.71
CA PHE A 243 21.86 -3.04 11.67
C PHE A 243 21.72 -2.07 10.49
N TRP A 244 21.32 -0.82 10.80
CA TRP A 244 21.30 0.27 9.83
C TRP A 244 22.26 1.36 10.27
N GLU A 245 22.87 2.02 9.29
CA GLU A 245 23.81 3.12 9.52
C GLU A 245 23.08 4.39 9.95
N ASP A 246 22.07 4.76 9.17
CA ASP A 246 21.30 5.99 9.40
C ASP A 246 20.07 5.73 10.28
N PRO A 247 19.59 6.77 11.00
CA PRO A 247 18.36 6.61 11.77
C PRO A 247 17.13 6.45 10.87
N LYS A 248 16.14 5.68 11.36
CA LYS A 248 14.91 5.38 10.62
C LYS A 248 13.68 5.82 11.42
N GLU A 249 12.69 6.38 10.71
CA GLU A 249 11.41 6.78 11.31
C GLU A 249 10.38 5.67 11.22
N PHE A 250 9.60 5.50 12.30
CA PHE A 250 8.46 4.58 12.33
C PHE A 250 7.33 5.19 13.19
N ALA A 251 6.10 5.01 12.73
CA ALA A 251 4.92 5.54 13.42
C ALA A 251 4.60 4.71 14.68
N GLY A 252 3.98 5.37 15.66
CA GLY A 252 3.61 4.75 16.94
C GLY A 252 2.33 3.95 16.86
N GLY A 253 1.98 3.29 17.95
CA GLY A 253 0.79 2.43 18.03
C GLY A 253 -0.51 3.18 17.79
N SER A 254 -1.47 2.51 17.15
CA SER A 254 -2.74 3.15 16.77
C SER A 254 -3.85 2.15 16.47
N ALA A 255 -5.09 2.60 16.62
CA ALA A 255 -6.29 1.83 16.23
C ALA A 255 -6.36 1.59 14.72
N GLY A 256 -5.79 2.51 13.93
CA GLY A 256 -5.65 2.35 12.48
C GLY A 256 -4.84 1.14 12.04
N GLN A 257 -4.00 0.61 12.93
CA GLN A 257 -3.26 -0.63 12.71
C GLN A 257 -4.11 -1.91 12.84
N SER A 258 -5.28 -1.83 13.48
CA SER A 258 -6.19 -2.98 13.57
C SER A 258 -6.78 -3.32 12.21
N SER A 259 -6.81 -4.60 11.87
CA SER A 259 -7.41 -5.07 10.60
C SER A 259 -8.93 -4.92 10.60
N VAL A 260 -9.55 -5.14 11.78
CA VAL A 260 -10.99 -4.92 11.98
C VAL A 260 -11.40 -3.46 11.73
N PHE A 261 -10.48 -2.52 12.01
CA PHE A 261 -10.68 -1.09 11.72
C PHE A 261 -10.98 -0.81 10.24
N GLN A 262 -10.41 -1.61 9.33
CA GLN A 262 -10.54 -1.42 7.88
C GLN A 262 -11.37 -2.46 7.12
N CYS A 263 -11.37 -3.72 7.56
CA CYS A 263 -11.83 -4.82 6.72
C CYS A 263 -13.31 -4.77 6.34
N PHE A 264 -14.15 -4.27 7.25
CA PHE A 264 -15.58 -4.11 6.96
C PHE A 264 -15.87 -2.92 6.05
N ASP A 265 -15.03 -1.88 6.10
CA ASP A 265 -15.10 -0.78 5.12
C ASP A 265 -14.76 -1.25 3.69
N VAL A 266 -13.79 -2.16 3.60
CA VAL A 266 -13.39 -2.77 2.33
C VAL A 266 -14.48 -3.68 1.80
N LEU A 267 -14.95 -4.60 2.66
CA LEU A 267 -16.05 -5.52 2.35
C LEU A 267 -17.27 -4.83 1.74
N LEU A 268 -17.69 -3.76 2.42
CA LEU A 268 -18.88 -2.99 2.01
C LEU A 268 -18.65 -1.95 0.90
N GLY A 269 -17.41 -1.80 0.43
CA GLY A 269 -17.08 -0.85 -0.64
C GLY A 269 -17.08 0.61 -0.22
N ILE A 270 -16.88 0.87 1.07
CA ILE A 270 -16.78 2.23 1.61
C ILE A 270 -15.38 2.71 1.25
N GLN A 271 -15.29 3.68 0.33
CA GLN A 271 -14.01 4.10 -0.26
C GLN A 271 -13.16 4.95 0.68
N GLN A 272 -12.57 4.28 1.66
CA GLN A 272 -11.77 4.94 2.70
C GLN A 272 -10.36 5.31 2.22
N THR A 273 -9.74 4.39 1.48
CA THR A 273 -8.36 4.53 0.96
C THR A 273 -8.30 4.99 -0.51
N ALA A 274 -9.16 5.95 -0.88
CA ALA A 274 -9.23 6.46 -2.26
C ALA A 274 -9.26 7.99 -2.28
N GLY A 275 -8.72 8.57 -3.36
CA GLY A 275 -8.66 10.03 -3.54
C GLY A 275 -7.38 10.72 -3.06
N GLY A 276 -6.51 9.98 -2.38
CA GLY A 276 -5.23 10.52 -1.90
C GLY A 276 -5.30 11.58 -0.81
N GLY A 277 -6.37 11.58 -0.02
CA GLY A 277 -6.48 12.46 1.14
C GLY A 277 -5.63 11.93 2.28
N HIS A 278 -5.49 12.73 3.34
CA HIS A 278 -4.63 12.35 4.46
C HIS A 278 -5.12 11.10 5.20
N ALA A 279 -6.42 11.04 5.47
CA ALA A 279 -7.04 9.87 6.11
C ALA A 279 -6.90 8.60 5.28
N ALA A 280 -7.00 8.73 3.96
CA ALA A 280 -6.84 7.62 3.03
C ALA A 280 -5.40 7.12 3.00
N GLN A 281 -4.46 8.06 2.90
CA GLN A 281 -3.03 7.76 2.96
C GLN A 281 -2.63 7.03 4.25
N PHE A 282 -3.15 7.48 5.39
CA PHE A 282 -2.80 6.91 6.69
C PHE A 282 -3.28 5.47 6.84
N LEU A 283 -4.51 5.19 6.39
CA LEU A 283 -5.06 3.83 6.41
C LEU A 283 -4.27 2.84 5.54
N GLN A 284 -3.78 3.30 4.39
N GLN A 284 -3.78 3.30 4.39
CA GLN A 284 -2.94 2.49 3.50
CA GLN A 284 -2.93 2.49 3.51
C GLN A 284 -1.56 2.24 4.12
C GLN A 284 -1.57 2.24 4.14
N ASP A 285 -0.95 3.31 4.64
CA ASP A 285 0.34 3.23 5.36
C ASP A 285 0.36 2.21 6.51
N MET A 286 -0.71 2.17 7.29
CA MET A 286 -0.81 1.27 8.45
C MET A 286 -0.95 -0.21 8.09
N ARG A 287 -1.23 -0.54 6.83
CA ARG A 287 -1.24 -1.94 6.37
C ARG A 287 0.12 -2.63 6.47
N ARG A 288 1.19 -1.86 6.28
CA ARG A 288 2.56 -2.36 6.46
C ARG A 288 2.99 -2.50 7.94
N TYR A 289 2.16 -2.01 8.86
CA TYR A 289 2.31 -2.22 10.30
C TYR A 289 1.48 -3.41 10.81
N MET A 290 0.70 -4.04 9.93
CA MET A 290 -0.03 -5.28 10.23
C MET A 290 0.84 -6.48 9.86
N PRO A 291 0.52 -7.68 10.42
CA PRO A 291 1.18 -8.90 9.97
C PRO A 291 0.88 -9.18 8.49
N PRO A 292 1.86 -9.74 7.75
CA PRO A 292 1.72 -9.91 6.29
C PRO A 292 0.50 -10.70 5.84
N ALA A 293 0.14 -11.75 6.58
CA ALA A 293 -1.07 -12.53 6.30
C ALA A 293 -2.34 -11.68 6.38
N HIS A 294 -2.37 -10.74 7.34
CA HIS A 294 -3.53 -9.84 7.51
C HIS A 294 -3.61 -8.72 6.48
N ARG A 295 -2.46 -8.21 6.02
CA ARG A 295 -2.43 -7.22 4.91
C ARG A 295 -2.78 -7.88 3.57
N ASN A 296 -2.32 -9.12 3.38
CA ASN A 296 -2.73 -9.96 2.24
C ASN A 296 -4.23 -10.20 2.18
N PHE A 297 -4.85 -10.43 3.35
CA PHE A 297 -6.29 -10.61 3.45
C PHE A 297 -7.08 -9.38 2.98
N LEU A 298 -6.62 -8.19 3.36
CA LEU A 298 -7.29 -6.94 2.99
C LEU A 298 -7.29 -6.68 1.48
N CYS A 299 -6.13 -6.83 0.83
CA CYS A 299 -6.04 -6.60 -0.62
C CYS A 299 -6.73 -7.70 -1.45
N SER A 300 -6.84 -8.91 -0.88
CA SER A 300 -7.62 -9.99 -1.49
C SER A 300 -9.12 -9.71 -1.46
N LEU A 301 -9.60 -9.07 -0.39
CA LEU A 301 -10.97 -8.55 -0.34
C LEU A 301 -11.23 -7.52 -1.45
N GLU A 302 -10.28 -6.61 -1.64
CA GLU A 302 -10.34 -5.62 -2.73
C GLU A 302 -10.37 -6.25 -4.14
N SER A 303 -9.73 -7.41 -4.30
CA SER A 303 -9.71 -8.15 -5.57
C SER A 303 -11.06 -8.73 -5.99
N ASN A 304 -11.93 -9.02 -5.02
CA ASN A 304 -13.26 -9.56 -5.30
C ASN A 304 -14.21 -8.49 -5.84
N PRO A 305 -15.31 -8.90 -6.50
CA PRO A 305 -16.31 -7.93 -6.98
C PRO A 305 -17.02 -7.18 -5.85
N SER A 306 -17.54 -5.99 -6.18
CA SER A 306 -18.10 -5.07 -5.19
C SER A 306 -19.47 -5.53 -4.67
N VAL A 307 -19.59 -5.60 -3.34
CA VAL A 307 -20.85 -5.91 -2.67
C VAL A 307 -21.83 -4.75 -2.82
N ARG A 308 -21.33 -3.53 -2.72
CA ARG A 308 -22.14 -2.31 -2.91
C ARG A 308 -22.81 -2.24 -4.29
N GLU A 309 -22.03 -2.45 -5.35
CA GLU A 309 -22.53 -2.34 -6.73
C GLU A 309 -23.58 -3.40 -7.04
N PHE A 310 -23.32 -4.61 -6.57
CA PHE A 310 -24.27 -5.72 -6.65
C PHE A 310 -25.62 -5.36 -6.02
N VAL A 311 -25.59 -4.92 -4.76
CA VAL A 311 -26.79 -4.52 -4.03
C VAL A 311 -27.53 -3.35 -4.70
N LEU A 312 -26.77 -2.42 -5.27
CA LEU A 312 -27.35 -1.29 -6.02
C LEU A 312 -28.10 -1.67 -7.29
N SER A 313 -27.58 -2.67 -8.02
CA SER A 313 -28.17 -3.08 -9.30
C SER A 313 -29.52 -3.80 -9.18
N LYS A 314 -29.80 -4.41 -8.03
CA LYS A 314 -30.95 -5.32 -7.87
C LYS A 314 -32.33 -4.66 -7.78
N GLY A 315 -32.41 -3.43 -7.27
CA GLY A 315 -33.70 -2.77 -7.01
C GLY A 315 -34.54 -3.54 -6.01
N ASP A 316 -33.90 -3.94 -4.92
CA ASP A 316 -34.48 -4.81 -3.88
C ASP A 316 -34.33 -4.09 -2.54
N ALA A 317 -35.45 -3.65 -1.96
CA ALA A 317 -35.46 -2.88 -0.72
C ALA A 317 -34.92 -3.66 0.47
N GLY A 318 -35.33 -4.93 0.58
CA GLY A 318 -34.82 -5.84 1.62
C GLY A 318 -33.32 -5.98 1.68
N LEU A 319 -32.69 -6.11 0.50
CA LEU A 319 -31.21 -6.18 0.41
C LEU A 319 -30.56 -4.86 0.80
N ARG A 320 -31.14 -3.75 0.32
CA ARG A 320 -30.66 -2.40 0.67
C ARG A 320 -30.72 -2.15 2.18
N GLU A 321 -31.82 -2.57 2.81
CA GLU A 321 -31.97 -2.46 4.28
C GLU A 321 -30.86 -3.21 5.03
N ALA A 322 -30.64 -4.46 4.63
CA ALA A 322 -29.61 -5.32 5.23
C ALA A 322 -28.20 -4.73 5.08
N TYR A 323 -27.90 -4.19 3.90
CA TYR A 323 -26.65 -3.46 3.64
C TYR A 323 -26.50 -2.23 4.54
N ASP A 324 -27.56 -1.41 4.62
CA ASP A 324 -27.54 -0.20 5.46
C ASP A 324 -27.40 -0.49 6.96
N ALA A 325 -28.00 -1.58 7.42
CA ALA A 325 -27.83 -2.03 8.80
C ALA A 325 -26.36 -2.25 9.17
N CYS A 326 -25.59 -2.85 8.25
CA CYS A 326 -24.14 -3.02 8.42
C CYS A 326 -23.40 -1.68 8.45
N VAL A 327 -23.74 -0.80 7.51
CA VAL A 327 -23.18 0.55 7.44
C VAL A 327 -23.51 1.36 8.71
N LYS A 328 -24.76 1.30 9.16
CA LYS A 328 -25.20 2.01 10.37
C LYS A 328 -24.47 1.56 11.63
N ALA A 329 -24.15 0.27 11.72
CA ALA A 329 -23.36 -0.28 12.82
C ALA A 329 -21.94 0.28 12.86
N LEU A 330 -21.35 0.49 11.69
CA LEU A 330 -20.03 1.12 11.57
C LEU A 330 -20.04 2.60 11.95
N VAL A 331 -21.11 3.31 11.59
CA VAL A 331 -21.28 4.71 12.01
C VAL A 331 -21.33 4.81 13.54
N SER A 332 -22.11 3.92 14.15
CA SER A 332 -22.22 3.84 15.61
C SER A 332 -20.88 3.58 16.31
N LEU A 333 -20.04 2.74 15.69
CA LEU A 333 -18.71 2.41 16.23
C LEU A 333 -17.74 3.59 16.16
N ARG A 334 -17.75 4.33 15.06
CA ARG A 334 -16.94 5.54 14.93
C ARG A 334 -17.37 6.62 15.92
N SER A 335 -18.68 6.81 16.05
CA SER A 335 -19.26 7.78 17.00
C SER A 335 -18.85 7.50 18.45
N TYR A 336 -18.88 6.22 18.83
CA TYR A 336 -18.43 5.80 20.16
C TYR A 336 -16.93 6.04 20.35
N HIS A 337 -16.14 5.79 19.31
CA HIS A 337 -14.71 6.05 19.35
C HIS A 337 -14.41 7.54 19.56
N LEU A 338 -15.15 8.41 18.87
CA LEU A 338 -15.08 9.87 19.10
C LEU A 338 -15.38 10.28 20.54
N GLN A 339 -16.36 9.63 21.17
CA GLN A 339 -16.66 9.85 22.60
C GLN A 339 -15.49 9.46 23.51
N ILE A 340 -14.85 8.34 23.19
CA ILE A 340 -13.68 7.85 23.92
C ILE A 340 -12.49 8.81 23.77
N VAL A 341 -12.30 9.36 22.57
CA VAL A 341 -11.23 10.35 22.33
C VAL A 341 -11.48 11.64 23.13
N THR A 342 -12.74 12.05 23.24
CA THR A 342 -13.11 13.23 24.01
C THR A 342 -12.79 13.08 25.50
N LYS A 343 -13.18 11.93 26.07
CA LYS A 343 -12.98 11.65 27.50
C LYS A 343 -11.51 11.44 27.86
N TYR A 344 -10.82 10.61 27.09
CA TYR A 344 -9.46 10.14 27.45
C TYR A 344 -8.30 10.99 26.91
N ILE A 345 -8.57 11.95 26.00
CA ILE A 345 -7.51 12.80 25.42
C ILE A 345 -7.83 14.30 25.44
N LEU A 346 -8.96 14.70 24.86
CA LEU A 346 -9.30 16.14 24.73
C LEU A 346 -9.41 16.90 26.06
N ILE A 347 -10.17 16.33 27.00
CA ILE A 347 -10.41 16.97 28.30
C ILE A 347 -9.15 17.02 29.19
N PRO A 348 -8.42 15.89 29.33
CA PRO A 348 -7.11 15.92 30.02
C PRO A 348 -6.08 16.91 29.42
N ALA A 349 -6.08 17.05 28.10
CA ALA A 349 -5.18 17.98 27.41
C ALA A 349 -5.48 19.45 27.70
N SER A 350 -6.77 19.79 27.73
CA SER A 350 -7.22 21.17 27.97
C SER A 350 -7.02 21.64 29.44
N GLN A 351 -7.00 20.70 30.38
CA GLN A 351 -6.90 21.02 31.82
C GLN A 351 -5.50 21.44 32.27
N GLN A 352 -4.47 20.73 31.81
CA GLN A 352 -3.08 21.03 32.17
C GLN A 352 -2.57 22.32 31.51
N PRO A 353 -1.63 23.05 32.17
CA PRO A 353 -1.14 24.31 31.62
C PRO A 353 -0.09 24.10 30.53
N GLY A 371 -2.23 16.95 18.60
CA GLY A 371 -2.22 15.50 18.68
C GLY A 371 -3.59 14.89 18.86
N GLY A 372 -4.29 15.31 19.90
CA GLY A 372 -5.66 14.89 20.19
C GLY A 372 -6.68 15.40 19.19
N THR A 373 -6.48 16.65 18.75
CA THR A 373 -7.30 17.28 17.71
C THR A 373 -7.23 16.52 16.38
N ASP A 374 -6.02 16.16 15.97
CA ASP A 374 -5.79 15.44 14.71
C ASP A 374 -6.51 14.09 14.65
N LEU A 375 -6.49 13.35 15.75
CA LEU A 375 -7.19 12.07 15.85
C LEU A 375 -8.72 12.25 15.75
N MET A 376 -9.25 13.26 16.42
CA MET A 376 -10.68 13.61 16.32
C MET A 376 -11.10 13.90 14.87
N ASN A 377 -10.31 14.74 14.20
CA ASN A 377 -10.57 15.11 12.81
C ASN A 377 -10.53 13.93 11.85
N PHE A 378 -9.49 13.10 12.00
CA PHE A 378 -9.37 11.84 11.28
C PHE A 378 -10.64 10.99 11.44
N LEU A 379 -11.08 10.82 12.69
CA LEU A 379 -12.28 10.03 12.99
C LEU A 379 -13.56 10.64 12.41
N LYS A 380 -13.65 11.96 12.40
CA LYS A 380 -14.77 12.66 11.76
C LYS A 380 -14.83 12.41 10.24
N THR A 381 -13.68 12.41 9.59
CA THR A 381 -13.61 12.11 8.15
C THR A 381 -14.04 10.67 7.86
N VAL A 382 -13.54 9.73 8.65
CA VAL A 382 -13.89 8.31 8.52
C VAL A 382 -15.39 8.05 8.75
N ARG A 383 -15.95 8.70 9.77
N ARG A 383 -15.96 8.70 9.77
CA ARG A 383 -17.38 8.65 10.09
CA ARG A 383 -17.41 8.59 10.04
C ARG A 383 -18.25 9.27 8.98
C ARG A 383 -18.26 9.26 8.97
N SER A 384 -17.79 10.39 8.44
CA SER A 384 -18.47 11.11 7.35
C SER A 384 -18.57 10.29 6.06
N THR A 385 -17.45 9.70 5.66
CA THR A 385 -17.39 8.79 4.52
C THR A 385 -18.29 7.56 4.68
N THR A 386 -18.36 7.03 5.90
CA THR A 386 -19.21 5.87 6.23
C THR A 386 -20.69 6.22 6.13
N GLU A 387 -21.07 7.34 6.75
CA GLU A 387 -22.45 7.80 6.77
C GLU A 387 -23.01 8.11 5.38
N LYS A 388 -22.16 8.65 4.50
CA LYS A 388 -22.57 9.00 3.13
C LYS A 388 -22.61 7.80 2.17
N SER A 389 -22.07 6.66 2.60
CA SER A 389 -22.25 5.38 1.90
C SER A 389 -23.61 4.69 2.17
N LEU A 390 -24.41 5.22 3.10
CA LEU A 390 -25.78 4.76 3.33
C LEU A 390 -26.67 4.98 2.10
N LEU A 391 -27.33 3.92 1.65
CA LEU A 391 -28.23 3.98 0.50
C LEU A 391 -29.52 4.76 0.77
N LYS A 392 -30.00 4.65 2.00
CA LYS A 392 -31.14 5.43 2.49
C LYS A 392 -30.73 6.09 3.81
N GLU A 393 -31.30 7.26 4.08
CA GLU A 393 -30.99 8.01 5.31
C GLU A 393 -31.41 7.24 6.58
N GLY A 394 -30.55 7.29 7.59
CA GLY A 394 -30.79 6.63 8.88
C GLY A 394 -31.34 7.60 9.91
N MET B 1 -1.51 -21.77 -16.51
CA MET B 1 -1.84 -20.48 -17.21
C MET B 1 -2.40 -19.44 -16.22
N ILE B 2 -2.15 -18.16 -16.52
CA ILE B 2 -2.60 -17.05 -15.67
C ILE B 2 -4.10 -16.78 -15.92
N SER B 3 -4.83 -16.52 -14.83
CA SER B 3 -6.28 -16.28 -14.89
C SER B 3 -6.63 -14.99 -15.63
N LYS B 4 -7.68 -15.04 -16.43
CA LYS B 4 -8.10 -13.92 -17.31
C LYS B 4 -8.57 -12.66 -16.57
N GLU B 5 -8.99 -12.81 -15.31
CA GLU B 5 -9.39 -11.67 -14.46
C GLU B 5 -8.27 -10.64 -14.21
N TYR B 6 -7.02 -11.08 -14.29
CA TYR B 6 -5.85 -10.20 -14.13
C TYR B 6 -5.44 -9.40 -15.38
N HIS B 7 -6.08 -9.64 -16.53
CA HIS B 7 -5.80 -8.93 -17.79
C HIS B 7 -4.31 -8.95 -18.16
N ILE B 8 -3.76 -10.14 -18.29
CA ILE B 8 -2.38 -10.35 -18.73
C ILE B 8 -2.41 -11.20 -20.00
N ASP B 9 -1.75 -10.70 -21.05
CA ASP B 9 -1.69 -11.37 -22.35
C ASP B 9 -0.43 -12.24 -22.50
N GLU B 10 -0.56 -13.33 -23.25
CA GLU B 10 0.56 -14.22 -23.58
C GLU B 10 1.67 -13.53 -24.37
N GLU B 11 1.28 -12.77 -25.39
CA GLU B 11 2.21 -12.09 -26.29
C GLU B 11 2.75 -10.78 -25.71
N VAL B 12 1.86 -9.91 -25.25
CA VAL B 12 2.23 -8.53 -24.84
C VAL B 12 2.25 -8.26 -23.32
N GLY B 13 1.90 -9.25 -22.50
CA GLY B 13 2.02 -9.13 -21.04
C GLY B 13 1.02 -8.16 -20.42
N PHE B 14 1.55 -7.19 -19.67
CA PHE B 14 0.71 -6.15 -19.03
C PHE B 14 0.14 -5.11 -20.00
N ALA B 15 0.74 -4.98 -21.19
CA ALA B 15 0.27 -4.05 -22.21
C ALA B 15 -1.11 -4.44 -22.75
N LEU B 16 -1.90 -3.44 -23.14
CA LEU B 16 -3.23 -3.66 -23.73
C LEU B 16 -3.08 -4.16 -25.16
N PRO B 17 -3.55 -5.39 -25.45
CA PRO B 17 -3.37 -5.93 -26.80
C PRO B 17 -4.30 -5.28 -27.83
N ASN B 18 -3.74 -4.89 -28.97
CA ASN B 18 -4.50 -4.32 -30.10
C ASN B 18 -5.51 -3.23 -29.70
N PRO B 19 -5.02 -2.10 -29.16
CA PRO B 19 -5.93 -1.06 -28.67
C PRO B 19 -6.61 -0.28 -29.79
N GLN B 20 -7.77 0.28 -29.50
CA GLN B 20 -8.53 1.06 -30.47
C GLN B 20 -7.81 2.36 -30.84
N GLU B 21 -7.96 2.77 -32.09
CA GLU B 21 -7.45 4.06 -32.59
C GLU B 21 -8.53 5.16 -32.60
N ASN B 22 -9.73 4.79 -33.02
CA ASN B 22 -10.85 5.72 -33.17
C ASN B 22 -11.97 5.48 -32.15
N LEU B 23 -12.51 6.57 -31.62
CA LEU B 23 -13.71 6.54 -30.78
C LEU B 23 -14.94 6.64 -31.67
N PRO B 24 -16.16 6.51 -31.08
CA PRO B 24 -17.38 6.80 -31.83
C PRO B 24 -17.48 8.25 -32.35
N ASP B 25 -18.42 8.47 -33.26
CA ASP B 25 -18.65 9.80 -33.85
C ASP B 25 -19.16 10.83 -32.84
N PHE B 26 -19.81 10.36 -31.77
CA PHE B 26 -20.24 11.21 -30.65
C PHE B 26 -19.08 12.00 -30.00
N TYR B 27 -17.88 11.41 -29.99
CA TYR B 27 -16.67 12.05 -29.43
C TYR B 27 -15.68 12.53 -30.50
N ASN B 28 -16.20 13.15 -31.56
CA ASN B 28 -15.35 13.74 -32.61
C ASN B 28 -14.61 15.01 -32.14
N ASP B 29 -15.27 15.81 -31.31
CA ASP B 29 -14.71 17.05 -30.77
C ASP B 29 -13.50 16.81 -29.86
N TRP B 30 -13.50 15.71 -29.11
CA TRP B 30 -12.34 15.29 -28.33
C TRP B 30 -11.17 14.86 -29.22
N MET B 31 -11.47 14.01 -30.21
CA MET B 31 -10.45 13.45 -31.11
C MET B 31 -9.76 14.48 -32.02
N PHE B 32 -10.52 15.47 -32.50
CA PHE B 32 -9.96 16.55 -33.33
C PHE B 32 -8.87 17.35 -32.60
N ILE B 33 -9.10 17.59 -31.30
CA ILE B 33 -8.12 18.30 -30.45
C ILE B 33 -6.90 17.42 -30.20
N ALA B 34 -7.14 16.19 -29.73
CA ALA B 34 -6.08 15.23 -29.38
C ALA B 34 -5.18 14.81 -30.53
N LYS B 35 -5.76 14.67 -31.73
CA LYS B 35 -5.00 14.35 -32.95
C LYS B 35 -4.05 15.46 -33.42
N HIS B 36 -4.35 16.71 -33.07
CA HIS B 36 -3.56 17.88 -33.53
C HIS B 36 -2.96 18.72 -32.38
N LEU B 37 -2.45 18.04 -31.35
CA LEU B 37 -1.83 18.76 -30.21
C LEU B 37 -0.57 19.55 -30.57
N PRO B 38 0.36 18.97 -31.37
CA PRO B 38 1.53 19.74 -31.83
C PRO B 38 1.21 21.09 -32.50
N ASP B 39 0.22 21.09 -33.38
CA ASP B 39 -0.23 22.29 -34.08
C ASP B 39 -0.94 23.28 -33.15
N LEU B 40 -1.91 22.78 -32.38
CA LEU B 40 -2.74 23.62 -31.51
C LEU B 40 -1.98 24.24 -30.32
N ILE B 41 -1.00 23.53 -29.79
CA ILE B 41 -0.17 24.03 -28.68
C ILE B 41 0.76 25.15 -29.16
N GLU B 42 1.44 24.91 -30.28
CA GLU B 42 2.39 25.88 -30.85
C GLU B 42 1.73 27.19 -31.27
N SER B 43 0.56 27.10 -31.91
CA SER B 43 -0.18 28.28 -32.37
C SER B 43 -0.90 29.05 -31.24
N GLY B 44 -1.05 28.42 -30.07
CA GLY B 44 -1.62 29.06 -28.89
C GLY B 44 -3.14 29.11 -28.92
N GLN B 45 -3.75 28.02 -29.36
CA GLN B 45 -5.21 27.88 -29.35
C GLN B 45 -5.73 26.51 -28.86
N LEU B 46 -4.90 25.77 -28.13
CA LEU B 46 -5.33 24.52 -27.48
C LEU B 46 -6.32 24.85 -26.36
N ARG B 47 -5.95 25.80 -25.51
CA ARG B 47 -6.73 26.15 -24.32
C ARG B 47 -8.14 26.67 -24.63
N GLU B 48 -8.24 27.57 -25.60
CA GLU B 48 -9.54 28.11 -26.02
C GLU B 48 -10.44 27.07 -26.71
N ARG B 49 -9.83 26.13 -27.43
CA ARG B 49 -10.56 25.01 -28.05
C ARG B 49 -11.15 24.03 -27.02
N VAL B 50 -10.42 23.82 -25.92
CA VAL B 50 -10.94 23.06 -24.76
C VAL B 50 -12.10 23.80 -24.09
N GLU B 51 -11.92 25.12 -23.91
CA GLU B 51 -12.93 25.98 -23.27
C GLU B 51 -14.27 26.10 -24.02
N LYS B 52 -14.23 25.88 -25.34
CA LYS B 52 -15.44 25.90 -26.19
C LYS B 52 -16.17 24.55 -26.33
N LEU B 53 -15.64 23.49 -25.71
CA LEU B 53 -16.29 22.18 -25.72
C LEU B 53 -17.57 22.17 -24.89
N ASN B 54 -18.53 21.34 -25.31
CA ASN B 54 -19.71 21.02 -24.52
C ASN B 54 -19.45 19.79 -23.67
N MET B 55 -20.21 19.65 -22.58
CA MET B 55 -20.07 18.51 -21.67
C MET B 55 -20.70 17.26 -22.28
N LEU B 56 -19.85 16.36 -22.77
CA LEU B 56 -20.29 15.09 -23.36
C LEU B 56 -20.37 13.99 -22.30
N SER B 57 -21.47 13.23 -22.33
CA SER B 57 -21.66 12.11 -21.41
C SER B 57 -20.77 10.93 -21.79
N ILE B 58 -20.35 10.16 -20.79
CA ILE B 58 -19.49 8.97 -20.99
C ILE B 58 -20.25 7.65 -21.20
N ASP B 59 -21.59 7.71 -21.22
CA ASP B 59 -22.46 6.51 -21.36
C ASP B 59 -22.29 5.76 -22.68
N HIS B 60 -21.91 6.47 -23.74
CA HIS B 60 -21.72 5.87 -25.07
C HIS B 60 -20.39 5.13 -25.25
N LEU B 61 -19.46 5.29 -24.32
CA LEU B 61 -18.23 4.49 -24.27
C LEU B 61 -18.53 3.14 -23.62
N THR B 62 -18.82 2.13 -24.46
CA THR B 62 -19.36 0.85 -24.01
C THR B 62 -18.30 -0.12 -23.48
N ASP B 63 -17.45 -0.61 -24.40
CA ASP B 63 -16.43 -1.64 -24.06
C ASP B 63 -15.16 -1.05 -23.43
N HIS B 64 -14.36 -1.93 -22.82
CA HIS B 64 -13.16 -1.55 -22.05
C HIS B 64 -12.07 -0.86 -22.89
N LYS B 65 -11.87 -1.34 -24.12
CA LYS B 65 -10.86 -0.77 -25.03
C LYS B 65 -11.19 0.67 -25.45
N SER B 66 -12.47 0.95 -25.69
CA SER B 66 -12.93 2.30 -26.01
C SER B 66 -12.82 3.25 -24.80
N GLN B 67 -13.10 2.72 -23.61
CA GLN B 67 -12.94 3.46 -22.34
C GLN B 67 -11.47 3.85 -22.07
N ARG B 68 -10.55 2.94 -22.38
CA ARG B 68 -9.11 3.20 -22.22
C ARG B 68 -8.58 4.24 -23.23
N LEU B 69 -9.04 4.17 -24.47
CA LEU B 69 -8.70 5.16 -25.50
C LEU B 69 -9.18 6.56 -25.10
N ALA B 70 -10.44 6.64 -24.65
CA ALA B 70 -11.00 7.87 -24.08
C ALA B 70 -10.15 8.49 -22.96
N ARG B 71 -9.59 7.63 -22.09
CA ARG B 71 -8.66 8.08 -21.03
C ARG B 71 -7.36 8.66 -21.59
N LEU B 72 -6.80 7.98 -22.59
CA LEU B 72 -5.60 8.45 -23.29
C LEU B 72 -5.83 9.80 -23.98
N VAL B 73 -6.99 9.93 -24.63
CA VAL B 73 -7.39 11.17 -25.30
C VAL B 73 -7.51 12.33 -24.29
N LEU B 74 -8.39 12.15 -23.31
CA LEU B 74 -8.61 13.14 -22.24
C LEU B 74 -7.35 13.40 -21.39
N GLY B 75 -6.52 12.37 -21.22
CA GLY B 75 -5.27 12.47 -20.48
C GLY B 75 -4.26 13.40 -21.13
N CYS B 76 -4.04 13.22 -22.43
CA CYS B 76 -3.10 14.06 -23.20
C CYS B 76 -3.58 15.51 -23.32
N ILE B 77 -4.89 15.71 -23.50
CA ILE B 77 -5.48 17.06 -23.57
C ILE B 77 -5.29 17.79 -22.24
N THR B 78 -5.54 17.10 -21.13
CA THR B 78 -5.38 17.66 -19.78
C THR B 78 -3.93 18.12 -19.51
N MET B 79 -2.95 17.34 -19.96
N MET B 79 -2.96 17.31 -19.95
CA MET B 79 -1.54 17.70 -19.82
CA MET B 79 -1.53 17.67 -19.87
C MET B 79 -1.20 18.93 -20.67
C MET B 79 -1.24 18.94 -20.66
N ALA B 80 -1.73 18.98 -21.90
CA ALA B 80 -1.55 20.14 -22.80
C ALA B 80 -2.18 21.44 -22.26
N TYR B 81 -3.39 21.33 -21.72
CA TYR B 81 -4.10 22.47 -21.13
C TYR B 81 -3.38 23.03 -19.90
N VAL B 82 -2.95 22.13 -19.00
CA VAL B 82 -2.27 22.54 -17.76
C VAL B 82 -0.93 23.23 -18.04
N TRP B 83 -0.07 22.57 -18.81
CA TRP B 83 1.30 23.05 -19.06
C TRP B 83 1.44 24.04 -20.24
N GLY B 84 0.53 23.98 -21.20
CA GLY B 84 0.55 24.88 -22.36
C GLY B 84 1.72 24.59 -23.29
N LYS B 85 2.46 25.64 -23.67
CA LYS B 85 3.69 25.51 -24.48
C LYS B 85 4.88 24.91 -23.73
N GLY B 86 4.77 24.75 -22.41
CA GLY B 86 5.81 24.12 -21.60
C GLY B 86 6.93 25.06 -21.16
N HIS B 87 6.62 26.36 -21.08
CA HIS B 87 7.60 27.40 -20.74
C HIS B 87 7.44 27.99 -19.33
N GLY B 88 6.36 27.65 -18.63
CA GLY B 88 6.11 28.14 -17.26
C GLY B 88 4.74 28.71 -16.96
N ASP B 89 3.95 29.03 -17.98
CA ASP B 89 2.57 29.51 -17.77
C ASP B 89 1.61 28.35 -17.57
N VAL B 90 0.98 28.32 -16.40
CA VAL B 90 0.22 27.15 -15.93
C VAL B 90 -1.24 27.51 -15.64
N ARG B 91 -2.14 26.59 -15.97
CA ARG B 91 -3.55 26.66 -15.57
C ARG B 91 -3.76 25.87 -14.27
N LYS B 92 -4.35 26.53 -13.28
CA LYS B 92 -4.67 25.92 -11.98
C LYS B 92 -6.09 25.37 -11.89
N VAL B 93 -6.88 25.59 -12.94
CA VAL B 93 -8.29 25.17 -12.99
C VAL B 93 -8.55 24.45 -14.32
N LEU B 94 -8.96 23.19 -14.24
CA LEU B 94 -9.38 22.42 -15.42
C LEU B 94 -10.88 22.67 -15.66
N PRO B 95 -11.28 23.16 -16.86
CA PRO B 95 -12.70 23.44 -17.16
C PRO B 95 -13.64 22.25 -16.98
N ARG B 96 -14.88 22.53 -16.57
CA ARG B 96 -15.82 21.50 -16.14
C ARG B 96 -16.36 20.57 -17.25
N ASN B 97 -16.49 21.09 -18.47
N ASN B 97 -16.49 21.10 -18.46
CA ASN B 97 -16.98 20.30 -19.60
CA ASN B 97 -16.98 20.30 -19.61
C ASN B 97 -16.03 19.16 -20.03
C ASN B 97 -16.03 19.16 -20.02
N ILE B 98 -14.74 19.33 -19.74
CA ILE B 98 -13.73 18.25 -19.89
C ILE B 98 -13.43 17.52 -18.56
N ALA B 99 -13.44 18.26 -17.45
CA ALA B 99 -13.05 17.71 -16.14
C ALA B 99 -14.07 16.73 -15.54
N VAL B 100 -15.36 17.04 -15.69
CA VAL B 100 -16.44 16.18 -15.18
C VAL B 100 -16.44 14.79 -15.84
N PRO B 101 -16.50 14.71 -17.20
CA PRO B 101 -16.44 13.38 -17.84
C PRO B 101 -15.15 12.60 -17.61
N TYR B 102 -14.01 13.31 -17.58
CA TYR B 102 -12.71 12.70 -17.30
C TYR B 102 -12.63 12.07 -15.91
N CYS B 103 -13.16 12.76 -14.91
CA CYS B 103 -13.26 12.24 -13.55
C CYS B 103 -14.27 11.09 -13.43
N GLN B 104 -15.39 11.20 -14.15
CA GLN B 104 -16.39 10.13 -14.24
C GLN B 104 -15.82 8.84 -14.83
N LEU B 105 -15.14 8.97 -15.97
CA LEU B 105 -14.48 7.84 -16.63
C LEU B 105 -13.37 7.22 -15.76
N SER B 106 -12.59 8.09 -15.11
CA SER B 106 -11.53 7.69 -14.17
C SER B 106 -12.04 6.82 -13.01
N LYS B 107 -13.08 7.28 -12.31
CA LYS B 107 -13.69 6.53 -11.20
C LYS B 107 -14.21 5.15 -11.62
N LYS B 108 -14.77 5.08 -12.83
CA LYS B 108 -15.28 3.82 -13.40
C LYS B 108 -14.18 2.79 -13.63
N LEU B 109 -13.09 3.23 -14.26
CA LEU B 109 -11.90 2.36 -14.50
C LEU B 109 -10.99 2.18 -13.27
N GLU B 110 -11.24 2.92 -12.20
CA GLU B 110 -10.48 2.87 -10.93
C GLU B 110 -9.03 3.33 -11.10
N LEU B 111 -8.84 4.38 -11.90
CA LEU B 111 -7.56 5.08 -12.05
C LEU B 111 -7.77 6.54 -11.66
N PRO B 112 -6.70 7.23 -11.23
CA PRO B 112 -6.84 8.66 -10.91
C PRO B 112 -6.92 9.54 -12.17
N PRO B 113 -7.54 10.74 -12.06
CA PRO B 113 -7.71 11.65 -13.20
C PRO B 113 -6.41 12.38 -13.59
N ILE B 114 -5.45 11.62 -14.12
CA ILE B 114 -4.20 12.14 -14.66
C ILE B 114 -3.62 11.09 -15.60
N LEU B 115 -2.82 11.53 -16.56
CA LEU B 115 -2.14 10.64 -17.51
C LEU B 115 -1.14 9.76 -16.76
N VAL B 116 -1.33 8.44 -16.88
CA VAL B 116 -0.44 7.45 -16.26
C VAL B 116 0.27 6.61 -17.32
N TYR B 117 1.26 5.84 -16.87
CA TYR B 117 2.03 4.91 -17.71
C TYR B 117 1.13 3.98 -18.56
N ALA B 118 0.06 3.49 -17.94
CA ALA B 118 -0.91 2.62 -18.62
C ALA B 118 -1.67 3.30 -19.77
N ASP B 119 -1.83 4.61 -19.69
CA ASP B 119 -2.40 5.39 -20.80
C ASP B 119 -1.36 5.57 -21.91
N CYS B 120 -0.25 6.23 -21.59
CA CYS B 120 0.69 6.74 -22.61
C CYS B 120 1.71 5.74 -23.16
N VAL B 121 1.82 4.56 -22.55
CA VAL B 121 2.66 3.47 -23.09
C VAL B 121 1.80 2.26 -23.47
N LEU B 122 1.11 1.70 -22.48
CA LEU B 122 0.39 0.42 -22.65
C LEU B 122 -0.79 0.47 -23.64
N ALA B 123 -1.48 1.61 -23.71
CA ALA B 123 -2.63 1.79 -24.64
C ALA B 123 -2.33 2.69 -25.86
N ASN B 124 -1.12 3.24 -25.92
CA ASN B 124 -0.75 4.26 -26.92
C ASN B 124 0.18 3.67 -27.99
N TRP B 125 -0.30 2.64 -28.68
CA TRP B 125 0.48 2.00 -29.74
C TRP B 125 -0.37 1.29 -30.79
N LYS B 126 0.27 0.97 -31.92
CA LYS B 126 -0.34 0.19 -33.00
C LYS B 126 0.72 -0.42 -33.91
N LYS B 127 0.30 -1.43 -34.67
CA LYS B 127 1.11 -2.01 -35.75
C LYS B 127 0.85 -1.24 -37.04
N LYS B 128 1.89 -1.09 -37.86
CA LYS B 128 1.74 -0.54 -39.21
C LYS B 128 1.11 -1.60 -40.11
N ASP B 129 1.74 -2.77 -40.15
CA ASP B 129 1.23 -3.95 -40.85
C ASP B 129 0.90 -5.02 -39.80
N PRO B 130 -0.39 -5.42 -39.68
CA PRO B 130 -0.78 -6.51 -38.76
C PRO B 130 -0.14 -7.88 -39.02
N ASN B 131 0.23 -8.16 -40.27
CA ASN B 131 0.89 -9.43 -40.64
C ASN B 131 2.38 -9.50 -40.30
N LYS B 132 2.99 -8.37 -39.97
CA LYS B 132 4.41 -8.28 -39.58
C LYS B 132 4.58 -8.24 -38.05
N PRO B 133 5.76 -8.63 -37.54
CA PRO B 133 5.95 -8.77 -36.08
C PRO B 133 6.08 -7.46 -35.32
N LEU B 134 6.13 -7.60 -33.99
CA LEU B 134 6.25 -6.48 -33.08
C LEU B 134 7.70 -5.99 -32.98
N THR B 135 8.08 -5.11 -33.91
CA THR B 135 9.37 -4.41 -33.89
C THR B 135 9.15 -2.90 -33.98
N TYR B 136 10.16 -2.13 -33.59
CA TYR B 136 10.11 -0.65 -33.66
C TYR B 136 9.79 -0.15 -35.08
N GLU B 137 10.40 -0.77 -36.08
CA GLU B 137 10.21 -0.39 -37.49
C GLU B 137 8.77 -0.61 -37.99
N ASN B 138 8.09 -1.61 -37.43
CA ASN B 138 6.69 -1.91 -37.76
C ASN B 138 5.64 -1.36 -36.77
N MET B 139 6.02 -0.38 -35.95
CA MET B 139 5.15 0.13 -34.90
C MET B 139 5.14 1.66 -34.84
N ASP B 140 4.08 2.21 -34.29
CA ASP B 140 3.93 3.65 -34.10
C ASP B 140 3.01 3.96 -32.91
N VAL B 141 3.18 5.16 -32.34
CA VAL B 141 2.29 5.65 -31.26
C VAL B 141 1.02 6.23 -31.85
N LEU B 142 0.01 6.44 -30.99
CA LEU B 142 -1.26 7.05 -31.39
C LEU B 142 -1.28 8.56 -31.21
N PHE B 143 -0.68 9.05 -30.11
CA PHE B 143 -0.67 10.47 -29.78
C PHE B 143 0.71 10.95 -29.31
N SER B 144 1.07 12.17 -29.75
CA SER B 144 2.27 12.90 -29.30
C SER B 144 1.86 14.28 -28.77
N PHE B 145 2.83 14.99 -28.19
CA PHE B 145 2.60 16.34 -27.65
C PHE B 145 3.10 17.44 -28.58
N ARG B 146 4.38 17.40 -28.92
CA ARG B 146 5.03 18.39 -29.79
C ARG B 146 5.90 17.75 -30.87
N ASP B 147 6.21 18.53 -31.90
CA ASP B 147 7.14 18.09 -32.95
C ASP B 147 8.56 18.02 -32.39
N GLY B 148 9.21 16.88 -32.59
CA GLY B 148 10.57 16.66 -32.08
C GLY B 148 10.66 16.42 -30.59
N ASP B 149 9.58 15.94 -29.97
CA ASP B 149 9.57 15.58 -28.53
C ASP B 149 10.10 14.17 -28.20
N CYS B 150 10.32 13.34 -29.23
CA CYS B 150 10.79 11.96 -29.08
C CYS B 150 9.82 11.06 -28.26
N SER B 151 8.52 11.35 -28.38
CA SER B 151 7.48 10.56 -27.72
C SER B 151 7.39 9.14 -28.29
N LYS B 152 7.60 8.99 -29.59
CA LYS B 152 7.60 7.67 -30.24
C LYS B 152 8.67 6.76 -29.65
N GLY B 153 9.91 7.27 -29.65
CA GLY B 153 11.06 6.54 -29.10
C GLY B 153 10.93 6.21 -27.63
N PHE B 154 10.52 7.18 -26.83
CA PHE B 154 10.42 7.00 -25.38
C PHE B 154 9.31 6.02 -24.99
N PHE B 155 8.15 6.13 -25.63
CA PHE B 155 7.01 5.26 -25.32
C PHE B 155 7.16 3.85 -25.88
N LEU B 156 7.54 3.74 -27.15
CA LEU B 156 7.63 2.42 -27.81
C LEU B 156 8.76 1.54 -27.27
N VAL B 157 9.91 2.14 -26.96
CA VAL B 157 11.03 1.37 -26.37
C VAL B 157 10.66 0.86 -24.97
N SER B 158 9.98 1.71 -24.18
CA SER B 158 9.39 1.28 -22.91
C SER B 158 8.41 0.11 -23.11
N LEU B 159 7.57 0.23 -24.13
CA LEU B 159 6.62 -0.84 -24.49
C LEU B 159 7.31 -2.13 -24.94
N LEU B 160 8.40 -2.02 -25.69
CA LEU B 160 9.15 -3.20 -26.15
C LEU B 160 9.80 -3.99 -25.01
N VAL B 161 10.32 -3.28 -24.01
CA VAL B 161 10.84 -3.91 -22.79
C VAL B 161 9.71 -4.58 -22.01
N GLU B 162 8.57 -3.90 -21.95
CA GLU B 162 7.33 -4.41 -21.38
C GLU B 162 6.88 -5.72 -22.06
N ILE B 163 6.99 -5.77 -23.39
CA ILE B 163 6.66 -6.97 -24.19
C ILE B 163 7.67 -8.11 -24.00
N ALA B 164 8.95 -7.77 -23.96
CA ALA B 164 10.02 -8.76 -23.68
C ALA B 164 9.83 -9.46 -22.34
N ALA B 165 9.31 -8.73 -21.35
CA ALA B 165 8.99 -9.27 -20.02
C ALA B 165 7.85 -10.30 -20.01
N ALA B 166 6.96 -10.24 -21.00
CA ALA B 166 5.84 -11.20 -21.14
C ALA B 166 6.26 -12.67 -21.21
N SER B 167 7.44 -12.92 -21.78
CA SER B 167 8.02 -14.26 -21.78
C SER B 167 8.31 -14.79 -20.37
N ALA B 168 8.82 -13.93 -19.50
CA ALA B 168 9.09 -14.26 -18.09
C ALA B 168 7.81 -14.38 -17.25
N ILE B 169 6.87 -13.46 -17.48
CA ILE B 169 5.59 -13.42 -16.76
C ILE B 169 4.82 -14.76 -16.84
N LYS B 170 4.75 -15.33 -18.04
CA LYS B 170 4.00 -16.58 -18.28
C LYS B 170 4.56 -17.83 -17.55
N VAL B 171 5.80 -17.76 -17.09
CA VAL B 171 6.45 -18.83 -16.32
C VAL B 171 6.04 -18.83 -14.83
N ILE B 172 5.55 -17.68 -14.33
CA ILE B 172 5.21 -17.51 -12.91
C ILE B 172 4.34 -18.66 -12.32
N PRO B 173 3.26 -19.07 -13.02
CA PRO B 173 2.46 -20.23 -12.56
C PRO B 173 3.24 -21.56 -12.41
N THR B 174 4.22 -21.78 -13.29
CA THR B 174 5.10 -22.97 -13.21
C THR B 174 5.96 -22.96 -11.94
N VAL B 175 6.40 -21.77 -11.53
CA VAL B 175 7.22 -21.61 -10.32
C VAL B 175 6.42 -22.02 -9.07
N PHE B 176 5.23 -21.45 -8.92
CA PHE B 176 4.36 -21.73 -7.77
C PHE B 176 3.80 -23.15 -7.75
N LYS B 177 3.47 -23.69 -8.91
CA LYS B 177 3.03 -25.09 -9.03
C LYS B 177 4.13 -26.08 -8.65
N ALA B 178 5.36 -25.77 -9.04
CA ALA B 178 6.55 -26.59 -8.70
C ALA B 178 6.85 -26.62 -7.20
N MET B 179 6.58 -25.52 -6.51
CA MET B 179 6.81 -25.42 -5.06
C MET B 179 5.83 -26.27 -4.26
N GLN B 180 4.54 -26.16 -4.58
CA GLN B 180 3.49 -26.91 -3.85
C GLN B 180 3.52 -28.42 -4.17
N MET B 181 3.85 -28.76 -5.41
CA MET B 181 4.02 -30.17 -5.83
C MET B 181 5.38 -30.77 -5.49
N GLN B 182 6.32 -29.95 -5.01
CA GLN B 182 7.68 -30.38 -4.63
C GLN B 182 8.39 -30.98 -5.84
N GLU B 183 8.52 -30.16 -6.89
CA GLU B 183 9.16 -30.56 -8.15
C GLU B 183 10.43 -29.71 -8.36
N ARG B 184 11.52 -30.16 -7.75
CA ARG B 184 12.80 -29.41 -7.71
C ARG B 184 13.38 -29.14 -9.09
N ASP B 185 13.39 -30.15 -9.96
CA ASP B 185 13.96 -30.02 -11.32
C ASP B 185 13.17 -29.03 -12.17
N THR B 186 11.85 -29.11 -12.09
CA THR B 186 10.94 -28.16 -12.78
C THR B 186 11.13 -26.71 -12.34
N LEU B 187 11.29 -26.50 -11.02
CA LEU B 187 11.50 -25.17 -10.44
C LEU B 187 12.81 -24.54 -10.89
N LEU B 188 13.89 -25.32 -10.86
CA LEU B 188 15.19 -24.87 -11.33
C LEU B 188 15.13 -24.39 -12.79
N LYS B 189 14.53 -25.22 -13.64
CA LYS B 189 14.28 -24.89 -15.05
C LYS B 189 13.49 -23.59 -15.23
N ALA B 190 12.45 -23.42 -14.41
CA ALA B 190 11.60 -22.23 -14.46
C ALA B 190 12.37 -20.96 -14.14
N LEU B 191 13.19 -20.99 -13.09
CA LEU B 191 14.01 -19.86 -12.68
C LEU B 191 15.07 -19.48 -13.74
N LEU B 192 15.75 -20.48 -14.30
CA LEU B 192 16.71 -20.26 -15.40
C LEU B 192 16.06 -19.63 -16.64
N GLU B 193 14.83 -20.04 -16.95
CA GLU B 193 14.05 -19.44 -18.05
C GLU B 193 13.71 -17.97 -17.77
N ILE B 194 13.36 -17.65 -16.53
CA ILE B 194 13.04 -16.27 -16.14
C ILE B 194 14.27 -15.37 -16.23
N ALA B 195 15.40 -15.83 -15.69
CA ALA B 195 16.67 -15.11 -15.79
C ALA B 195 17.05 -14.82 -17.25
N SER B 196 16.92 -15.82 -18.11
CA SER B 196 17.20 -15.69 -19.54
C SER B 196 16.37 -14.59 -20.22
N CYS B 197 15.08 -14.54 -19.90
CA CYS B 197 14.16 -13.52 -20.44
C CYS B 197 14.45 -12.10 -19.91
N LEU B 198 14.85 -12.00 -18.65
CA LEU B 198 15.28 -10.70 -18.07
C LEU B 198 16.56 -10.16 -18.69
N GLU B 199 17.51 -11.06 -18.99
CA GLU B 199 18.73 -10.70 -19.73
C GLU B 199 18.42 -10.18 -21.14
N LYS B 200 17.46 -10.81 -21.81
CA LYS B 200 17.01 -10.38 -23.13
C LYS B 200 16.32 -9.01 -23.11
N ALA B 201 15.54 -8.76 -22.05
CA ALA B 201 14.86 -7.48 -21.85
C ALA B 201 15.82 -6.28 -21.74
N LEU B 202 17.00 -6.51 -21.16
CA LEU B 202 18.05 -5.48 -21.07
C LEU B 202 18.58 -5.08 -22.44
N GLN B 203 18.82 -6.07 -23.32
CA GLN B 203 19.22 -5.81 -24.72
C GLN B 203 18.19 -4.99 -25.50
N VAL B 204 16.91 -5.22 -25.23
CA VAL B 204 15.81 -4.46 -25.86
C VAL B 204 15.84 -2.99 -25.40
N PHE B 205 16.21 -2.78 -24.13
CA PHE B 205 16.39 -1.43 -23.55
C PHE B 205 17.38 -0.56 -24.33
N HIS B 206 18.45 -1.17 -24.86
CA HIS B 206 19.52 -0.47 -25.59
C HIS B 206 19.05 0.40 -26.78
N GLN B 207 17.92 0.05 -27.38
CA GLN B 207 17.30 0.82 -28.48
C GLN B 207 17.01 2.30 -28.17
N ILE B 208 16.78 2.63 -26.90
CA ILE B 208 16.44 4.01 -26.50
C ILE B 208 17.44 5.07 -26.98
N HIS B 209 18.73 4.71 -27.03
CA HIS B 209 19.79 5.61 -27.52
C HIS B 209 19.64 5.97 -29.00
N ASP B 210 19.12 5.03 -29.79
CA ASP B 210 18.90 5.24 -31.24
C ASP B 210 17.78 6.24 -31.54
N HIS B 211 16.75 6.28 -30.70
CA HIS B 211 15.49 6.99 -31.00
C HIS B 211 15.12 8.17 -30.10
N VAL B 212 15.94 8.47 -29.08
CA VAL B 212 15.65 9.55 -28.12
C VAL B 212 16.85 10.48 -27.93
N ASN B 213 16.57 11.79 -28.00
CA ASN B 213 17.57 12.85 -27.85
C ASN B 213 17.52 13.44 -26.42
N PRO B 214 18.68 13.58 -25.73
CA PRO B 214 18.74 14.17 -24.38
C PRO B 214 18.07 15.54 -24.19
N LYS B 215 18.44 16.51 -25.02
CA LYS B 215 17.91 17.87 -24.94
C LYS B 215 16.39 17.90 -25.16
N ALA B 216 15.93 17.15 -26.17
CA ALA B 216 14.51 17.06 -26.48
C ALA B 216 13.70 16.43 -25.34
N PHE B 217 14.22 15.35 -24.76
CA PHE B 217 13.53 14.68 -23.65
C PHE B 217 13.43 15.58 -22.42
N PHE B 218 14.55 16.17 -22.02
CA PHE B 218 14.60 17.00 -20.82
C PHE B 218 13.73 18.25 -20.94
N SER B 219 13.97 19.04 -21.99
CA SER B 219 13.33 20.35 -22.14
C SER B 219 11.87 20.30 -22.63
N VAL B 220 11.45 19.19 -23.25
CA VAL B 220 10.09 19.08 -23.83
C VAL B 220 9.27 17.96 -23.19
N LEU B 221 9.61 16.70 -23.46
CA LEU B 221 8.76 15.56 -23.09
C LEU B 221 8.56 15.41 -21.57
N ARG B 222 9.63 15.61 -20.80
CA ARG B 222 9.57 15.57 -19.33
C ARG B 222 8.52 16.52 -18.74
N ILE B 223 8.39 17.71 -19.33
CA ILE B 223 7.46 18.75 -18.86
C ILE B 223 6.00 18.30 -19.00
N TYR B 224 5.65 17.73 -20.16
CA TYR B 224 4.28 17.25 -20.41
C TYR B 224 3.89 16.01 -19.60
N LEU B 225 4.88 15.21 -19.18
CA LEU B 225 4.65 14.07 -18.29
C LEU B 225 4.61 14.42 -16.78
N SER B 226 4.96 15.66 -16.43
CA SER B 226 4.95 16.11 -15.03
C SER B 226 3.54 16.21 -14.46
N GLY B 227 3.44 15.97 -13.15
CA GLY B 227 2.17 16.01 -12.43
C GLY B 227 2.09 17.17 -11.45
N TRP B 228 1.17 17.06 -10.50
CA TRP B 228 0.91 18.11 -9.50
C TRP B 228 0.76 17.51 -8.10
N LYS B 229 1.86 16.96 -7.61
CA LYS B 229 2.00 16.54 -6.22
C LYS B 229 3.40 16.88 -5.74
N GLY B 230 3.50 17.78 -4.77
CA GLY B 230 4.78 18.34 -4.35
C GLY B 230 5.47 19.16 -5.43
N ASN B 231 4.67 19.80 -6.29
CA ASN B 231 5.17 20.62 -7.38
C ASN B 231 4.97 22.09 -7.02
N PRO B 232 6.06 22.88 -6.95
CA PRO B 232 5.97 24.33 -6.65
C PRO B 232 5.05 25.15 -7.56
N GLN B 233 4.96 24.76 -8.84
CA GLN B 233 4.12 25.43 -9.83
C GLN B 233 2.61 25.29 -9.57
N LEU B 234 2.19 24.16 -8.99
CA LEU B 234 0.81 23.95 -8.54
C LEU B 234 0.79 23.38 -7.13
N SER B 235 1.15 24.24 -6.16
CA SER B 235 1.38 23.81 -4.76
C SER B 235 0.17 23.14 -4.10
N ASP B 236 -1.01 23.71 -4.30
CA ASP B 236 -2.27 23.18 -3.74
C ASP B 236 -2.87 22.03 -4.58
N GLY B 237 -2.42 21.89 -5.82
CA GLY B 237 -2.89 20.84 -6.74
C GLY B 237 -3.62 21.47 -7.92
N LEU B 238 -4.55 20.71 -8.50
CA LEU B 238 -5.36 21.15 -9.64
C LEU B 238 -6.83 21.15 -9.26
N VAL B 239 -7.56 22.20 -9.65
CA VAL B 239 -9.00 22.26 -9.45
C VAL B 239 -9.67 21.55 -10.64
N TYR B 240 -10.32 20.44 -10.34
CA TYR B 240 -11.19 19.74 -11.30
C TYR B 240 -12.59 20.34 -11.16
N GLU B 241 -12.90 21.29 -12.04
CA GLU B 241 -14.11 22.11 -11.91
C GLU B 241 -15.39 21.27 -12.08
N GLY B 242 -16.33 21.45 -11.14
CA GLY B 242 -17.60 20.73 -11.17
C GLY B 242 -17.61 19.30 -10.66
N PHE B 243 -16.51 18.85 -10.04
CA PHE B 243 -16.41 17.50 -9.45
C PHE B 243 -16.01 17.59 -7.98
N TRP B 244 -14.91 18.28 -7.71
CA TRP B 244 -14.53 18.71 -6.37
C TRP B 244 -14.30 20.23 -6.41
N GLU B 245 -14.74 20.93 -5.37
CA GLU B 245 -14.52 22.37 -5.24
C GLU B 245 -13.08 22.70 -4.81
N ASP B 246 -12.54 21.88 -3.91
CA ASP B 246 -11.14 22.02 -3.45
C ASP B 246 -10.16 21.34 -4.41
N PRO B 247 -8.94 21.90 -4.57
CA PRO B 247 -7.95 21.29 -5.47
C PRO B 247 -7.38 19.97 -4.94
N LYS B 248 -6.93 19.11 -5.85
CA LYS B 248 -6.40 17.77 -5.51
C LYS B 248 -5.02 17.53 -6.11
N GLU B 249 -4.18 16.84 -5.35
CA GLU B 249 -2.81 16.51 -5.77
C GLU B 249 -2.73 15.10 -6.33
N PHE B 250 -2.05 14.96 -7.47
CA PHE B 250 -1.78 13.64 -8.10
C PHE B 250 -0.39 13.63 -8.75
N ALA B 251 0.32 12.51 -8.59
CA ALA B 251 1.68 12.37 -9.11
C ALA B 251 1.72 12.20 -10.63
N GLY B 252 2.78 12.70 -11.25
CA GLY B 252 3.00 12.56 -12.70
C GLY B 252 3.46 11.16 -13.10
N GLY B 253 3.57 10.93 -14.40
CA GLY B 253 3.95 9.63 -14.95
C GLY B 253 5.34 9.18 -14.53
N SER B 254 5.48 7.88 -14.28
CA SER B 254 6.74 7.31 -13.77
C SER B 254 6.86 5.84 -14.16
N ALA B 255 8.10 5.37 -14.27
CA ALA B 255 8.41 3.95 -14.50
C ALA B 255 7.95 3.07 -13.34
N GLY B 256 7.97 3.63 -12.13
CA GLY B 256 7.40 2.99 -10.93
C GLY B 256 5.94 2.58 -11.01
N GLN B 257 5.21 3.15 -11.97
CA GLN B 257 3.83 2.74 -12.28
C GLN B 257 3.74 1.47 -13.11
N SER B 258 4.84 1.04 -13.74
CA SER B 258 4.86 -0.24 -14.47
C SER B 258 4.77 -1.42 -13.52
N SER B 259 3.92 -2.39 -13.86
CA SER B 259 3.78 -3.63 -13.07
C SER B 259 5.01 -4.53 -13.18
N VAL B 260 5.68 -4.51 -14.33
CA VAL B 260 6.95 -5.21 -14.55
C VAL B 260 8.05 -4.69 -13.62
N PHE B 261 8.03 -3.39 -13.37
CA PHE B 261 8.95 -2.72 -12.44
C PHE B 261 8.95 -3.32 -11.02
N GLN B 262 7.79 -3.83 -10.60
CA GLN B 262 7.60 -4.40 -9.25
C GLN B 262 7.41 -5.92 -9.15
N CYS B 263 6.84 -6.55 -10.19
CA CYS B 263 6.32 -7.93 -10.04
C CYS B 263 7.38 -9.02 -9.83
N PHE B 264 8.55 -8.83 -10.42
CA PHE B 264 9.68 -9.76 -10.22
C PHE B 264 10.36 -9.59 -8.85
N ASP B 265 10.38 -8.36 -8.35
CA ASP B 265 10.81 -8.12 -6.96
C ASP B 265 9.90 -8.84 -5.96
N VAL B 266 8.59 -8.78 -6.21
CA VAL B 266 7.59 -9.47 -5.40
C VAL B 266 7.72 -11.00 -5.52
N LEU B 267 7.85 -11.48 -6.76
CA LEU B 267 8.03 -12.91 -7.04
C LEU B 267 9.21 -13.54 -6.31
N LEU B 268 10.33 -12.84 -6.33
CA LEU B 268 11.59 -13.34 -5.75
C LEU B 268 11.81 -12.97 -4.27
N GLY B 269 10.83 -12.30 -3.66
CA GLY B 269 10.86 -12.02 -2.23
C GLY B 269 11.80 -10.89 -1.82
N ILE B 270 12.11 -10.00 -2.77
CA ILE B 270 12.89 -8.79 -2.50
C ILE B 270 11.92 -7.77 -1.92
N GLN B 271 12.05 -7.48 -0.63
CA GLN B 271 11.08 -6.65 0.09
C GLN B 271 11.29 -5.16 -0.17
N GLN B 272 10.91 -4.72 -1.38
CA GLN B 272 11.07 -3.33 -1.80
C GLN B 272 10.06 -2.40 -1.11
N THR B 273 8.83 -2.88 -0.90
CA THR B 273 7.77 -2.13 -0.21
C THR B 273 7.84 -2.14 1.33
N ALA B 274 8.68 -3.01 1.90
CA ALA B 274 8.90 -3.04 3.36
C ALA B 274 10.21 -2.31 3.72
N GLY B 275 10.20 -1.67 4.88
CA GLY B 275 11.37 -0.92 5.39
C GLY B 275 11.04 0.41 6.03
N GLY B 276 9.98 1.07 5.55
CA GLY B 276 9.54 2.38 6.07
C GLY B 276 10.10 3.61 5.34
N GLY B 277 11.04 3.41 4.43
CA GLY B 277 11.69 4.50 3.72
C GLY B 277 10.85 5.11 2.60
N HIS B 278 11.43 6.12 1.95
CA HIS B 278 10.76 6.85 0.87
C HIS B 278 10.50 5.98 -0.37
N ALA B 279 11.51 5.19 -0.75
CA ALA B 279 11.39 4.30 -1.91
C ALA B 279 10.28 3.25 -1.74
N ALA B 280 10.15 2.71 -0.53
CA ALA B 280 9.11 1.75 -0.19
C ALA B 280 7.70 2.37 -0.21
N GLN B 281 7.62 3.62 0.26
CA GLN B 281 6.37 4.40 0.23
C GLN B 281 5.87 4.65 -1.20
N PHE B 282 6.78 5.11 -2.06
CA PHE B 282 6.47 5.44 -3.46
C PHE B 282 5.97 4.24 -4.26
N LEU B 283 6.63 3.10 -4.11
CA LEU B 283 6.25 1.87 -4.81
C LEU B 283 4.85 1.38 -4.45
N GLN B 284 4.48 1.46 -3.17
CA GLN B 284 3.13 1.11 -2.72
C GLN B 284 2.08 2.10 -3.24
N ASP B 285 2.38 3.39 -3.17
CA ASP B 285 1.48 4.44 -3.68
C ASP B 285 1.18 4.31 -5.17
N MET B 286 2.19 3.97 -5.97
CA MET B 286 2.04 3.82 -7.43
C MET B 286 1.20 2.62 -7.86
N ARG B 287 0.91 1.68 -6.96
CA ARG B 287 -0.03 0.59 -7.24
C ARG B 287 -1.47 1.08 -7.47
N ARG B 288 -1.83 2.20 -6.84
CA ARG B 288 -3.13 2.86 -7.08
C ARG B 288 -3.20 3.62 -8.42
N TYR B 289 -2.07 3.77 -9.10
CA TYR B 289 -1.99 4.35 -10.45
C TYR B 289 -1.93 3.27 -11.55
N MET B 290 -1.97 2.00 -11.16
CA MET B 290 -2.08 0.86 -12.09
C MET B 290 -3.55 0.49 -12.25
N PRO B 291 -3.93 -0.12 -13.40
CA PRO B 291 -5.29 -0.66 -13.55
C PRO B 291 -5.61 -1.68 -12.45
N PRO B 292 -6.87 -1.70 -11.95
CA PRO B 292 -7.21 -2.57 -10.82
C PRO B 292 -6.86 -4.04 -11.01
N ALA B 293 -7.03 -4.55 -12.23
CA ALA B 293 -6.68 -5.94 -12.56
C ALA B 293 -5.20 -6.26 -12.33
N HIS B 294 -4.34 -5.29 -12.64
CA HIS B 294 -2.89 -5.44 -12.48
C HIS B 294 -2.41 -5.30 -11.04
N ARG B 295 -3.03 -4.40 -10.27
CA ARG B 295 -2.69 -4.29 -8.84
C ARG B 295 -3.24 -5.49 -8.04
N ASN B 296 -4.35 -6.07 -8.49
CA ASN B 296 -4.86 -7.34 -7.96
C ASN B 296 -3.86 -8.49 -8.18
N PHE B 297 -3.24 -8.51 -9.35
CA PHE B 297 -2.22 -9.52 -9.67
C PHE B 297 -1.04 -9.47 -8.69
N LEU B 298 -0.54 -8.27 -8.43
CA LEU B 298 0.56 -8.06 -7.47
C LEU B 298 0.20 -8.49 -6.04
N CYS B 299 -1.04 -8.21 -5.62
CA CYS B 299 -1.55 -8.66 -4.31
C CYS B 299 -1.57 -10.17 -4.18
N SER B 300 -2.00 -10.86 -5.24
CA SER B 300 -2.06 -12.34 -5.24
C SER B 300 -0.67 -12.99 -5.21
N LEU B 301 0.31 -12.35 -5.84
CA LEU B 301 1.71 -12.81 -5.78
C LEU B 301 2.28 -12.78 -4.37
N GLU B 302 2.06 -11.68 -3.67
CA GLU B 302 2.46 -11.56 -2.25
C GLU B 302 1.75 -12.56 -1.33
N SER B 303 0.51 -12.89 -1.64
CA SER B 303 -0.30 -13.84 -0.85
C SER B 303 0.17 -15.30 -0.97
N ASN B 304 0.86 -15.63 -2.06
CA ASN B 304 1.46 -16.96 -2.23
C ASN B 304 2.69 -17.14 -1.32
N PRO B 305 3.09 -18.41 -1.06
CA PRO B 305 4.29 -18.64 -0.25
C PRO B 305 5.58 -18.19 -0.93
N SER B 306 6.59 -17.91 -0.11
CA SER B 306 7.84 -17.28 -0.57
C SER B 306 8.74 -18.22 -1.38
N VAL B 307 9.18 -17.75 -2.55
CA VAL B 307 10.15 -18.47 -3.39
C VAL B 307 11.54 -18.44 -2.74
N ARG B 308 11.92 -17.28 -2.22
CA ARG B 308 13.20 -17.09 -1.52
C ARG B 308 13.38 -18.06 -0.35
N GLU B 309 12.36 -18.17 0.50
CA GLU B 309 12.43 -19.06 1.68
C GLU B 309 12.51 -20.55 1.31
N PHE B 310 11.81 -20.94 0.25
CA PHE B 310 11.86 -22.29 -0.29
C PHE B 310 13.27 -22.69 -0.71
N VAL B 311 13.91 -21.83 -1.51
CA VAL B 311 15.28 -22.06 -2.01
C VAL B 311 16.32 -22.08 -0.88
N LEU B 312 16.20 -21.15 0.06
CA LEU B 312 17.11 -21.10 1.24
C LEU B 312 17.04 -22.34 2.15
N SER B 313 15.86 -22.92 2.28
CA SER B 313 15.63 -24.05 3.18
C SER B 313 16.05 -25.43 2.63
N LYS B 314 16.37 -25.51 1.34
CA LYS B 314 16.62 -26.80 0.66
C LYS B 314 18.07 -27.27 0.64
N GLY B 315 19.02 -26.36 0.85
CA GLY B 315 20.45 -26.71 0.88
C GLY B 315 20.95 -27.20 -0.48
N ASP B 316 20.51 -26.51 -1.52
CA ASP B 316 20.66 -26.95 -2.91
C ASP B 316 21.42 -25.85 -3.66
N ALA B 317 22.68 -26.12 -3.97
CA ALA B 317 23.56 -25.14 -4.64
C ALA B 317 23.06 -24.77 -6.02
N GLY B 318 22.55 -25.75 -6.76
CA GLY B 318 21.93 -25.55 -8.07
C GLY B 318 20.75 -24.59 -8.07
N LEU B 319 19.87 -24.74 -7.08
CA LEU B 319 18.70 -23.84 -6.93
C LEU B 319 19.08 -22.42 -6.52
N ARG B 320 20.11 -22.29 -5.69
CA ARG B 320 20.59 -20.97 -5.26
C ARG B 320 21.17 -20.18 -6.44
N GLU B 321 21.97 -20.86 -7.27
CA GLU B 321 22.53 -20.26 -8.50
C GLU B 321 21.46 -19.77 -9.50
N ALA B 322 20.42 -20.57 -9.69
CA ALA B 322 19.30 -20.21 -10.57
C ALA B 322 18.54 -18.97 -10.07
N TYR B 323 18.26 -18.93 -8.77
CA TYR B 323 17.66 -17.76 -8.11
C TYR B 323 18.56 -16.53 -8.21
N ASP B 324 19.85 -16.70 -7.90
CA ASP B 324 20.83 -15.60 -8.00
C ASP B 324 20.99 -15.03 -9.42
N ALA B 325 20.78 -15.86 -10.43
CA ALA B 325 20.82 -15.43 -11.83
C ALA B 325 19.69 -14.44 -12.16
N CYS B 326 18.50 -14.69 -11.61
CA CYS B 326 17.38 -13.75 -11.72
C CYS B 326 17.66 -12.43 -11.00
N VAL B 327 18.21 -12.51 -9.79
CA VAL B 327 18.53 -11.33 -9.00
C VAL B 327 19.62 -10.49 -9.68
N LYS B 328 20.65 -11.16 -10.20
CA LYS B 328 21.73 -10.51 -10.95
C LYS B 328 21.22 -9.76 -12.20
N ALA B 329 20.27 -10.35 -12.90
CA ALA B 329 19.64 -9.73 -14.07
C ALA B 329 18.84 -8.46 -13.71
N LEU B 330 18.15 -8.49 -12.58
CA LEU B 330 17.43 -7.32 -12.08
C LEU B 330 18.38 -6.17 -11.67
N VAL B 331 19.52 -6.52 -11.06
CA VAL B 331 20.54 -5.53 -10.72
C VAL B 331 21.02 -4.80 -11.99
N SER B 332 21.30 -5.56 -13.03
CA SER B 332 21.74 -5.01 -14.32
C SER B 332 20.73 -4.06 -14.95
N LEU B 333 19.45 -4.39 -14.83
CA LEU B 333 18.37 -3.51 -15.32
C LEU B 333 18.29 -2.19 -14.55
N ARG B 334 18.39 -2.24 -13.22
CA ARG B 334 18.42 -1.01 -12.39
C ARG B 334 19.64 -0.12 -12.71
N SER B 335 20.79 -0.75 -12.88
CA SER B 335 22.03 -0.06 -13.27
C SER B 335 21.91 0.65 -14.62
N TYR B 336 21.27 0.00 -15.59
CA TYR B 336 21.08 0.59 -16.92
C TYR B 336 20.10 1.77 -16.91
N HIS B 337 19.04 1.65 -16.12
CA HIS B 337 18.08 2.73 -15.90
C HIS B 337 18.78 3.96 -15.28
N LEU B 338 19.67 3.71 -14.30
CA LEU B 338 20.47 4.78 -13.71
C LEU B 338 21.32 5.53 -14.74
N GLN B 339 21.93 4.77 -15.66
CA GLN B 339 22.72 5.34 -16.76
C GLN B 339 21.89 6.23 -17.68
N ILE B 340 20.68 5.78 -18.01
CA ILE B 340 19.72 6.54 -18.81
C ILE B 340 19.38 7.88 -18.14
N VAL B 341 19.10 7.84 -16.84
CA VAL B 341 18.73 9.05 -16.10
C VAL B 341 19.89 10.07 -16.05
N THR B 342 21.12 9.57 -15.97
CA THR B 342 22.32 10.41 -16.02
C THR B 342 22.44 11.14 -17.37
N LYS B 343 22.27 10.38 -18.46
CA LYS B 343 22.39 10.91 -19.81
C LYS B 343 21.25 11.87 -20.18
N TYR B 344 20.02 11.49 -19.83
CA TYR B 344 18.81 12.19 -20.28
C TYR B 344 18.25 13.27 -19.33
N ILE B 345 18.65 13.27 -18.06
CA ILE B 345 18.18 14.29 -17.08
C ILE B 345 19.31 15.07 -16.41
N LEU B 346 20.25 14.37 -15.76
CA LEU B 346 21.31 15.03 -14.97
C LEU B 346 22.21 15.96 -15.78
N ILE B 347 22.68 15.47 -16.93
CA ILE B 347 23.60 16.25 -17.77
C ILE B 347 22.89 17.45 -18.43
N PRO B 348 21.73 17.22 -19.11
CA PRO B 348 20.94 18.36 -19.63
C PRO B 348 20.58 19.44 -18.61
N ALA B 349 20.26 19.03 -17.38
CA ALA B 349 19.94 19.96 -16.29
C ALA B 349 21.13 20.83 -15.89
N SER B 350 22.34 20.28 -15.97
CA SER B 350 23.58 21.03 -15.68
C SER B 350 23.92 22.07 -16.75
N GLN B 351 23.73 21.71 -18.02
CA GLN B 351 23.96 22.60 -19.17
C GLN B 351 22.94 23.75 -19.26
N GLN B 352 21.77 23.57 -18.68
CA GLN B 352 20.72 24.60 -18.65
C GLN B 352 21.14 25.76 -17.73
N PRO B 353 21.27 26.99 -18.28
CA PRO B 353 21.79 28.11 -17.49
C PRO B 353 20.76 28.69 -16.51
N THR B 370 12.87 18.25 -11.11
CA THR B 370 13.57 19.26 -11.91
C THR B 370 15.01 18.83 -12.20
N GLY B 371 15.78 18.63 -11.13
CA GLY B 371 17.20 18.27 -11.23
C GLY B 371 17.48 16.81 -11.58
N GLY B 372 16.60 15.91 -11.13
CA GLY B 372 16.74 14.46 -11.36
C GLY B 372 17.36 13.67 -10.21
N THR B 373 17.83 14.38 -9.18
CA THR B 373 18.53 13.77 -8.04
C THR B 373 17.64 12.83 -7.21
N ASP B 374 16.38 13.22 -7.00
CA ASP B 374 15.39 12.39 -6.29
C ASP B 374 15.14 11.03 -6.97
N LEU B 375 15.06 11.05 -8.30
CA LEU B 375 14.88 9.82 -9.09
C LEU B 375 16.11 8.91 -9.02
N MET B 376 17.30 9.50 -9.14
CA MET B 376 18.56 8.78 -8.98
C MET B 376 18.64 8.06 -7.63
N ASN B 377 18.33 8.79 -6.55
CA ASN B 377 18.34 8.24 -5.18
C ASN B 377 17.32 7.12 -4.96
N PHE B 378 16.15 7.27 -5.56
CA PHE B 378 15.13 6.22 -5.57
C PHE B 378 15.66 4.93 -6.21
N LEU B 379 16.21 5.05 -7.42
CA LEU B 379 16.79 3.91 -8.13
C LEU B 379 18.01 3.28 -7.45
N LYS B 380 18.82 4.10 -6.78
CA LYS B 380 19.97 3.60 -6.00
C LYS B 380 19.54 2.73 -4.80
N THR B 381 18.47 3.15 -4.11
CA THR B 381 17.89 2.35 -3.03
C THR B 381 17.36 1.00 -3.56
N VAL B 382 16.66 1.03 -4.68
CA VAL B 382 16.07 -0.17 -5.28
C VAL B 382 17.14 -1.19 -5.69
N ARG B 383 18.20 -0.73 -6.36
CA ARG B 383 19.31 -1.59 -6.76
C ARG B 383 20.05 -2.16 -5.55
N SER B 384 20.26 -1.32 -4.54
CA SER B 384 20.94 -1.72 -3.31
C SER B 384 20.22 -2.85 -2.59
N THR B 385 18.90 -2.73 -2.47
CA THR B 385 18.06 -3.79 -1.88
C THR B 385 18.08 -5.08 -2.73
N THR B 386 18.18 -4.94 -4.05
CA THR B 386 18.31 -6.09 -4.96
C THR B 386 19.65 -6.83 -4.77
N GLU B 387 20.75 -6.07 -4.68
CA GLU B 387 22.09 -6.62 -4.44
C GLU B 387 22.18 -7.40 -3.11
N LYS B 388 21.54 -6.86 -2.07
CA LYS B 388 21.54 -7.50 -0.74
C LYS B 388 20.70 -8.79 -0.66
N SER B 389 19.84 -9.02 -1.65
CA SER B 389 19.05 -10.26 -1.74
C SER B 389 19.80 -11.46 -2.33
N LEU B 390 21.03 -11.26 -2.80
CA LEU B 390 21.82 -12.38 -3.34
C LEU B 390 22.12 -13.42 -2.26
N LEU B 391 21.79 -14.67 -2.55
CA LEU B 391 22.00 -15.79 -1.62
C LEU B 391 23.47 -16.17 -1.45
N LYS B 392 24.20 -16.19 -2.57
CA LYS B 392 25.64 -16.54 -2.59
C LYS B 392 25.95 -17.94 -2.05
C2 U6G C . -2.77 0.80 20.59
C3 U6G C . -3.16 2.08 20.25
C4 U6G C . -4.49 2.43 20.27
C5 U6G C . -5.47 1.48 20.66
C6 U6G C . -5.06 0.19 21.00
C7 U6G C . -3.71 -0.14 20.97
C8 U6G C . -6.90 1.89 20.67
O9 U6G C . -7.20 2.96 20.16
N10 U6G C . -7.86 1.12 21.23
C11 U6G C . -9.27 1.55 21.22
C12 U6G C . -9.95 1.02 19.98
C15 U6G C . -11.21 0.04 17.69
C16 U6G C . -10.55 -0.83 18.57
C17 U6G C . -10.47 -2.31 18.34
C18 U6G C . -11.09 -2.81 17.03
C19 U6G C . -11.13 -1.68 15.97
C21 U6G C . -13.12 -0.16 16.18
C23 U6G C . -13.86 -0.85 15.10
C24 U6G C . -13.94 -0.39 13.78
C27 U6G C . -15.20 -2.77 14.55
C30 U6G C . -9.91 -0.33 19.70
CL1 U6G C . -1.09 0.39 20.54
C13 U6G C . -10.61 1.88 19.13
C14 U6G C . -11.25 1.41 17.99
N20 U6G C . -11.87 -0.55 16.59
O22 U6G C . -13.74 0.74 16.72
C25 U6G C . -14.67 -1.14 12.86
C26 U6G C . -15.30 -2.32 13.23
CL28 U6G C . -15.96 -4.25 15.06
C29 U6G C . -14.48 -2.04 15.47
C2 U6G D . 6.39 7.50 -18.39
C3 U6G D . 7.30 7.80 -17.41
C4 U6G D . 8.53 7.18 -17.39
C5 U6G D . 8.85 6.21 -18.37
C6 U6G D . 7.90 5.90 -19.36
C7 U6G D . 6.67 6.55 -19.37
C8 U6G D . 10.18 5.55 -18.29
O9 U6G D . 10.88 5.75 -17.32
N10 U6G D . 10.63 4.72 -19.26
C11 U6G D . 11.93 4.09 -19.14
C12 U6G D . 11.82 2.78 -18.41
C15 U6G D . 11.60 0.34 -17.06
C16 U6G D . 10.82 0.59 -18.18
C17 U6G D . 9.82 -0.40 -18.72
C18 U6G D . 9.69 -1.70 -17.92
C19 U6G D . 10.09 -1.50 -16.45
C21 U6G D . 12.56 -1.68 -16.06
C23 U6G D . 12.44 -3.06 -15.54
C24 U6G D . 12.44 -3.37 -14.17
C27 U6G D . 12.24 -5.40 -16.08
C30 U6G D . 10.92 1.81 -18.85
CL1 U6G D . 4.86 8.30 -18.37
C13 U6G D . 12.60 2.52 -17.31
C14 U6G D . 12.51 1.31 -16.63
N20 U6G D . 11.47 -0.95 -16.47
O22 U6G D . 13.70 -1.25 -16.11
C25 U6G D . 12.34 -4.69 -13.77
C26 U6G D . 12.23 -5.71 -14.71
CL28 U6G D . 12.11 -6.65 -17.29
C29 U6G D . 12.35 -4.09 -16.49
#